data_6VH5
#
_entry.id   6VH5
#
_cell.length_a   226.950
_cell.length_b   61.250
_cell.length_c   120.050
_cell.angle_alpha   90.000
_cell.angle_beta   112.950
_cell.angle_gamma   90.000
#
_symmetry.space_group_name_H-M   'C 1 2 1'
#
loop_
_entity.id
_entity.type
_entity.pdbx_description
1 polymer 'Prephenate dehydratase:Amino acid-binding ACT'
2 non-polymer PHENYLALANINE
3 non-polymer 1,2-ETHANEDIOL
4 water water
#
_entity_poly.entity_id   1
_entity_poly.type   'polypeptide(L)'
_entity_poly.pdbx_seq_one_letter_code
;MAHHHHHHMGTLEAQTQGPGSMKTNRISFQGEAGANSDTACRNMFPDMEPLPCPTFEDAFNAVETGAADLAMIPIENTLA
GRVADIHYLLPLADMHIVGEYFLPIHFQLMVLPGVRREEIKTVHSHIHALGQCRNVIRQNGWKGVIAGDTAGAARLVADV
KDRSMAALAPRLAADLYGLDILEENVEDSENNVTRFVVLSKNKQWAARPENDERIVTTFVFRVRNVPAALYKALGGFATN
GVNMTKLESYQLGGRFIATQFYADIEGHPEERSVQLALEELRFFTKEVRILGVYKGSDIRGTQLLAAE
;
_entity_poly.pdbx_strand_id   A,B,C,D
#
loop_
_chem_comp.id
_chem_comp.type
_chem_comp.name
_chem_comp.formula
EDO non-polymer 1,2-ETHANEDIOL 'C2 H6 O2'
#
# COMPACT_ATOMS: atom_id res chain seq x y z
N SER A 21 3.34 28.43 3.15
CA SER A 21 3.12 29.67 3.88
C SER A 21 4.40 30.51 3.95
N MET A 22 4.33 31.59 4.72
CA MET A 22 5.46 32.51 4.85
C MET A 22 6.51 31.94 5.79
N LYS A 23 7.77 31.96 5.36
CA LYS A 23 8.84 31.40 6.19
C LYS A 23 9.09 32.33 7.38
N THR A 24 8.89 31.79 8.59
CA THR A 24 9.00 32.55 9.82
C THR A 24 10.39 32.55 10.45
N ASN A 25 11.33 31.75 9.94
CA ASN A 25 12.68 31.67 10.52
C ASN A 25 12.66 31.18 11.95
N ARG A 26 11.57 30.54 12.38
CA ARG A 26 11.46 30.01 13.73
C ARG A 26 11.62 28.49 13.69
N ILE A 27 12.27 27.94 14.72
CA ILE A 27 12.40 26.51 14.90
C ILE A 27 11.87 26.15 16.27
N SER A 28 10.82 25.33 16.30
CA SER A 28 10.20 24.98 17.57
C SER A 28 11.00 23.91 18.30
N PHE A 29 10.97 23.99 19.63
CA PHE A 29 11.54 22.94 20.47
C PHE A 29 10.69 22.82 21.73
N GLN A 30 10.76 21.65 22.37
CA GLN A 30 10.05 21.42 23.62
C GLN A 30 10.95 21.83 24.78
N GLY A 31 10.44 22.72 25.65
CA GLY A 31 11.09 23.13 26.88
C GLY A 31 11.09 24.64 27.04
N GLU A 32 11.86 25.10 28.02
CA GLU A 32 12.06 26.52 28.28
C GLU A 32 13.34 26.98 27.58
N ALA A 33 13.45 28.29 27.39
CA ALA A 33 14.68 28.85 26.85
C ALA A 33 15.88 28.43 27.70
N GLY A 34 16.99 28.12 27.03
CA GLY A 34 18.18 27.67 27.72
C GLY A 34 18.30 26.17 27.84
N ALA A 35 17.32 25.41 27.35
CA ALA A 35 17.34 23.96 27.47
C ALA A 35 18.37 23.36 26.52
N ASN A 36 18.55 22.04 26.64
CA ASN A 36 19.41 21.33 25.70
C ASN A 36 18.81 21.34 24.28
N SER A 37 17.48 21.26 24.18
CA SER A 37 16.83 21.36 22.86
C SER A 37 17.12 22.71 22.21
N ASP A 38 17.09 23.79 23.00
CA ASP A 38 17.46 25.11 22.51
C ASP A 38 18.92 25.14 22.08
N THR A 39 19.81 24.48 22.84
CA THR A 39 21.22 24.41 22.46
C THR A 39 21.38 23.75 21.09
N ALA A 40 20.65 22.67 20.84
CA ALA A 40 20.74 22.02 19.53
C ALA A 40 20.27 22.97 18.42
N CYS A 41 19.16 23.67 18.63
CA CYS A 41 18.68 24.62 17.60
C CYS A 41 19.75 25.66 17.27
N ARG A 42 20.39 26.21 18.30
CA ARG A 42 21.37 27.27 18.08
C ARG A 42 22.66 26.73 17.46
N ASN A 43 23.06 25.52 17.82
CA ASN A 43 24.28 24.96 17.26
C ASN A 43 24.10 24.62 15.80
N MET A 44 22.96 24.01 15.45
CA MET A 44 22.77 23.51 14.09
C MET A 44 22.20 24.57 13.16
N PHE A 45 21.30 25.41 13.66
CA PHE A 45 20.66 26.48 12.89
C PHE A 45 20.92 27.82 13.57
N PRO A 46 22.17 28.31 13.50
CA PRO A 46 22.53 29.51 14.28
C PRO A 46 21.73 30.74 13.90
N ASP A 47 21.27 30.86 12.67
CA ASP A 47 20.56 32.04 12.21
C ASP A 47 19.05 31.94 12.37
N MET A 48 18.55 30.91 13.04
CA MET A 48 17.11 30.79 13.27
C MET A 48 16.78 31.21 14.70
N GLU A 49 15.49 31.49 14.93
CA GLU A 49 15.04 31.94 16.23
C GLU A 49 14.29 30.81 16.91
N PRO A 50 14.84 30.21 17.97
CA PRO A 50 14.15 29.10 18.63
C PRO A 50 12.80 29.54 19.19
N LEU A 51 11.81 28.65 19.08
CA LEU A 51 10.44 28.92 19.53
C LEU A 51 10.05 27.92 20.60
N PRO A 52 10.10 28.30 21.88
CA PRO A 52 9.79 27.35 22.95
C PRO A 52 8.34 26.91 22.94
N CYS A 53 8.11 25.64 23.24
CA CYS A 53 6.79 25.06 23.32
C CYS A 53 6.75 24.16 24.53
N PRO A 54 5.64 24.11 25.25
CA PRO A 54 5.62 23.34 26.51
C PRO A 54 5.71 21.84 26.30
N THR A 55 5.19 21.31 25.19
CA THR A 55 5.22 19.87 24.93
C THR A 55 5.73 19.58 23.52
N PHE A 56 6.13 18.31 23.31
CA PHE A 56 6.53 17.86 21.98
C PHE A 56 5.42 18.08 20.97
N GLU A 57 4.19 17.71 21.35
CA GLU A 57 3.05 17.88 20.47
C GLU A 57 2.90 19.33 20.04
N ASP A 58 3.06 20.28 20.98
CA ASP A 58 3.01 21.70 20.64
C ASP A 58 4.15 22.06 19.69
N ALA A 59 5.33 21.45 19.89
CA ALA A 59 6.43 21.67 18.95
C ALA A 59 6.09 21.12 17.57
N PHE A 60 5.35 20.00 17.50
CA PHE A 60 4.89 19.52 16.21
C PHE A 60 3.87 20.50 15.62
N ASN A 61 2.88 20.89 16.42
CA ASN A 61 1.80 21.73 15.95
C ASN A 61 2.31 23.07 15.43
N ALA A 62 3.40 23.58 16.03
CA ALA A 62 4.00 24.82 15.57
C ALA A 62 4.43 24.74 14.11
N VAL A 63 4.84 23.56 13.66
CA VAL A 63 5.23 23.33 12.28
C VAL A 63 4.00 23.12 11.40
N GLU A 64 2.98 22.46 11.96
CA GLU A 64 1.76 22.19 11.21
C GLU A 64 1.02 23.49 10.88
N THR A 65 0.97 24.42 11.84
CA THR A 65 0.28 25.69 11.64
C THR A 65 1.13 26.75 10.95
N GLY A 66 2.42 26.51 10.76
CA GLY A 66 3.24 27.52 10.15
C GLY A 66 3.87 28.49 11.13
N ALA A 67 3.66 28.28 12.44
CA ALA A 67 4.36 29.09 13.42
C ALA A 67 5.87 28.90 13.31
N ALA A 68 6.31 27.70 12.96
CA ALA A 68 7.73 27.42 12.85
C ALA A 68 8.01 26.70 11.55
N ASP A 69 9.16 27.01 10.94
CA ASP A 69 9.58 26.32 9.73
C ASP A 69 10.06 24.91 10.02
N LEU A 70 10.68 24.69 11.18
CA LEU A 70 11.26 23.39 11.53
C LEU A 70 11.02 23.11 13.01
N ALA A 71 11.16 21.85 13.39
CA ALA A 71 11.07 21.44 14.78
C ALA A 71 12.27 20.58 15.14
N MET A 72 12.82 20.82 16.33
CA MET A 72 13.98 20.08 16.84
C MET A 72 13.52 19.17 17.95
N ILE A 73 13.47 17.86 17.66
CA ILE A 73 12.84 16.87 18.53
C ILE A 73 13.86 15.84 18.96
N PRO A 74 14.05 15.61 20.26
CA PRO A 74 14.92 14.52 20.70
C PRO A 74 14.22 13.17 20.58
N ILE A 75 14.97 12.17 20.10
CA ILE A 75 14.41 10.83 19.98
C ILE A 75 15.27 9.75 20.63
N GLU A 76 16.55 10.00 20.90
CA GLU A 76 17.40 9.05 21.60
C GLU A 76 18.22 9.79 22.64
N ASN A 77 18.32 9.20 23.84
CA ASN A 77 19.22 9.70 24.89
C ASN A 77 19.89 8.52 25.58
N THR A 78 21.21 8.63 25.76
CA THR A 78 22.02 7.51 26.27
C THR A 78 21.67 7.11 27.71
N LEU A 79 21.21 8.03 28.55
CA LEU A 79 20.98 7.63 29.94
C LEU A 79 19.52 7.72 30.35
N ALA A 80 18.63 7.20 29.50
CA ALA A 80 17.20 7.03 29.79
C ALA A 80 16.49 8.35 30.02
N GLY A 81 16.95 9.41 29.36
CA GLY A 81 16.27 10.67 29.46
C GLY A 81 14.97 10.69 28.68
N ARG A 82 14.25 11.81 28.82
CA ARG A 82 12.96 11.98 28.18
C ARG A 82 13.14 12.26 26.69
N VAL A 83 12.46 11.48 25.86
CA VAL A 83 12.45 11.67 24.41
C VAL A 83 11.03 11.52 23.90
N ALA A 84 10.76 12.13 22.74
CA ALA A 84 9.45 12.01 22.12
C ALA A 84 9.33 10.67 21.41
N ASP A 85 8.13 10.09 21.44
CA ASP A 85 7.84 8.84 20.74
C ASP A 85 7.65 9.15 19.26
N ILE A 86 8.79 9.22 18.56
CA ILE A 86 8.78 9.55 17.13
C ILE A 86 8.02 8.50 16.33
N HIS A 87 8.02 7.24 16.79
CA HIS A 87 7.32 6.18 16.08
C HIS A 87 5.82 6.41 16.07
N TYR A 88 5.27 7.03 17.10
CA TYR A 88 3.83 7.30 17.10
C TYR A 88 3.48 8.60 16.40
N LEU A 89 4.25 9.67 16.66
CA LEU A 89 3.84 11.02 16.25
C LEU A 89 4.11 11.27 14.77
N LEU A 90 5.28 10.88 14.30
CA LEU A 90 5.70 11.22 12.95
C LEU A 90 4.83 10.53 11.88
N PRO A 91 4.49 9.25 12.01
CA PRO A 91 3.55 8.65 11.02
C PRO A 91 2.19 9.32 10.99
N LEU A 92 1.69 9.86 12.10
CA LEU A 92 0.38 10.52 12.06
C LEU A 92 0.47 11.95 11.59
N ALA A 93 1.61 12.60 11.76
CA ALA A 93 1.78 13.90 11.17
C ALA A 93 2.12 13.71 9.71
N ASP A 94 1.96 14.76 8.93
CA ASP A 94 2.46 14.73 7.56
C ASP A 94 3.78 15.49 7.48
N MET A 95 4.76 14.96 8.19
CA MET A 95 6.02 15.65 8.36
C MET A 95 7.17 14.73 8.00
N HIS A 96 8.32 15.35 7.79
CA HIS A 96 9.47 14.66 7.25
C HIS A 96 10.70 14.99 8.09
N ILE A 97 11.65 14.07 8.10
CA ILE A 97 12.94 14.29 8.72
C ILE A 97 13.86 14.88 7.67
N VAL A 98 14.42 16.06 7.95
CA VAL A 98 15.32 16.74 7.03
C VAL A 98 16.70 16.95 7.65
N GLY A 99 16.98 16.28 8.77
CA GLY A 99 18.25 16.40 9.44
C GLY A 99 18.26 15.68 10.78
N GLU A 100 19.46 15.47 11.31
CA GLU A 100 19.64 14.89 12.63
C GLU A 100 20.74 15.67 13.35
N TYR A 101 20.80 15.52 14.67
CA TYR A 101 21.83 16.23 15.41
C TYR A 101 22.15 15.43 16.68
N PHE A 102 23.43 15.33 16.99
CA PHE A 102 23.91 14.62 18.18
C PHE A 102 24.56 15.63 19.12
N LEU A 103 24.00 15.78 20.31
CA LEU A 103 24.50 16.76 21.27
C LEU A 103 25.01 16.09 22.54
N PRO A 104 26.29 16.24 22.89
CA PRO A 104 26.75 15.78 24.20
C PRO A 104 26.10 16.58 25.32
N ILE A 105 25.50 15.86 26.27
CA ILE A 105 24.74 16.46 27.37
C ILE A 105 25.67 16.70 28.56
N HIS A 106 25.73 17.94 29.04
CA HIS A 106 26.54 18.29 30.20
C HIS A 106 25.77 19.20 31.12
N PHE A 107 26.05 19.08 32.43
CA PHE A 107 25.44 19.90 33.46
C PHE A 107 26.46 20.84 34.07
N GLN A 108 26.04 22.07 34.31
CA GLN A 108 26.89 23.09 34.92
C GLN A 108 26.26 23.53 36.24
N LEU A 109 27.09 23.61 37.29
CA LEU A 109 26.66 24.11 38.58
C LEU A 109 26.78 25.64 38.53
N MET A 110 25.65 26.32 38.58
CA MET A 110 25.62 27.76 38.38
C MET A 110 24.98 28.44 39.58
N VAL A 111 25.45 29.64 39.86
CA VAL A 111 25.03 30.41 41.03
C VAL A 111 24.91 31.87 40.64
N LEU A 112 24.39 32.68 41.56
CA LEU A 112 24.30 34.10 41.31
C LEU A 112 25.70 34.69 41.21
N PRO A 113 25.86 35.79 40.46
CA PRO A 113 27.21 36.35 40.24
C PRO A 113 27.91 36.69 41.55
N GLY A 114 29.18 36.27 41.65
CA GLY A 114 29.99 36.53 42.82
C GLY A 114 29.72 35.65 44.02
N VAL A 115 28.76 34.74 43.94
CA VAL A 115 28.47 33.85 45.06
C VAL A 115 29.60 32.83 45.20
N ARG A 116 30.02 32.60 46.44
CA ARG A 116 31.11 31.67 46.73
C ARG A 116 30.54 30.28 47.03
N ARG A 117 31.38 29.26 46.81
CA ARG A 117 30.97 27.88 47.02
C ARG A 117 30.42 27.68 48.44
N GLU A 118 30.97 28.39 49.43
CA GLU A 118 30.56 28.21 50.81
C GLU A 118 29.10 28.61 51.05
N GLU A 119 28.56 29.50 50.23
CA GLU A 119 27.21 29.98 50.51
C GLU A 119 26.11 29.00 50.10
N ILE A 120 26.38 28.10 49.15
CA ILE A 120 25.31 27.25 48.61
C ILE A 120 24.85 26.25 49.67
N LYS A 121 23.54 26.10 49.82
CA LYS A 121 22.91 25.07 50.62
C LYS A 121 22.04 24.13 49.79
N THR A 122 21.36 24.65 48.78
CA THR A 122 20.44 23.84 47.98
C THR A 122 20.83 23.87 46.52
N VAL A 123 20.59 22.76 45.86
CA VAL A 123 20.82 22.62 44.43
C VAL A 123 19.48 22.27 43.79
N HIS A 124 19.09 23.06 42.80
CA HIS A 124 17.77 22.95 42.16
C HIS A 124 17.92 22.46 40.72
N SER A 125 17.11 21.47 40.36
CA SER A 125 17.16 20.92 39.01
C SER A 125 15.98 19.98 38.82
N HIS A 126 15.85 19.45 37.60
CA HIS A 126 14.85 18.42 37.34
C HIS A 126 15.24 17.15 38.07
N ILE A 127 14.23 16.44 38.60
CA ILE A 127 14.51 15.30 39.48
C ILE A 127 15.41 14.27 38.80
N HIS A 128 15.28 14.11 37.49
CA HIS A 128 16.14 13.19 36.76
C HIS A 128 17.57 13.74 36.66
N ALA A 129 17.70 15.07 36.55
CA ALA A 129 19.02 15.70 36.56
C ALA A 129 19.71 15.56 37.93
N LEU A 130 18.96 15.79 39.01
CA LEU A 130 19.51 15.58 40.34
C LEU A 130 20.03 14.16 40.48
N GLY A 131 19.32 13.20 39.90
CA GLY A 131 19.73 11.81 39.94
C GLY A 131 20.96 11.50 39.12
N GLN A 132 21.35 12.38 38.21
CA GLN A 132 22.57 12.21 37.43
C GLN A 132 23.73 13.01 37.97
N CYS A 133 23.52 13.77 39.05
CA CYS A 133 24.54 14.62 39.63
C CYS A 133 24.64 14.39 41.12
N ARG A 134 24.47 13.14 41.55
CA ARG A 134 24.44 12.86 42.99
C ARG A 134 25.79 13.13 43.64
N ASN A 135 26.89 12.89 42.93
CA ASN A 135 28.21 13.00 43.53
C ASN A 135 28.49 14.41 44.04
N VAL A 136 28.23 15.44 43.22
CA VAL A 136 28.51 16.81 43.63
C VAL A 136 27.54 17.30 44.68
N ILE A 137 26.34 16.72 44.77
CA ILE A 137 25.46 17.06 45.88
C ILE A 137 25.98 16.45 47.18
N ARG A 138 26.51 15.23 47.09
CA ARG A 138 26.98 14.53 48.28
C ARG A 138 28.35 15.03 48.72
N GLN A 139 29.24 15.30 47.77
CA GLN A 139 30.59 15.75 48.10
C GLN A 139 30.59 17.09 48.81
N ASN A 140 29.63 17.96 48.52
CA ASN A 140 29.58 19.29 49.11
C ASN A 140 28.55 19.44 50.22
N GLY A 141 27.80 18.39 50.55
CA GLY A 141 26.84 18.46 51.63
C GLY A 141 25.65 19.34 51.32
N TRP A 142 25.17 19.32 50.08
CA TRP A 142 24.03 20.10 49.66
C TRP A 142 22.76 19.25 49.66
N LYS A 143 21.62 19.94 49.59
CA LYS A 143 20.30 19.31 49.50
C LYS A 143 19.73 19.56 48.12
N GLY A 144 19.58 18.51 47.32
CA GLY A 144 18.96 18.65 46.02
C GLY A 144 17.47 18.96 46.17
N VAL A 145 17.00 19.92 45.38
CA VAL A 145 15.61 20.36 45.43
C VAL A 145 14.98 20.20 44.05
N ILE A 146 13.81 19.54 44.01
CA ILE A 146 13.11 19.31 42.76
C ILE A 146 12.70 20.63 42.11
N ALA A 147 12.82 20.69 40.78
CA ALA A 147 12.31 21.77 39.95
C ALA A 147 11.72 21.18 38.68
N GLY A 148 10.65 21.79 38.18
CA GLY A 148 9.92 21.22 37.05
C GLY A 148 10.77 21.02 35.80
N ASP A 149 11.70 21.94 35.55
CA ASP A 149 12.48 21.95 34.32
C ASP A 149 13.89 22.40 34.66
N THR A 150 14.88 21.83 33.96
CA THR A 150 16.27 22.13 34.26
C THR A 150 16.60 23.60 33.97
N ALA A 151 16.32 24.06 32.75
CA ALA A 151 16.52 25.48 32.44
C ALA A 151 15.68 26.37 33.35
N GLY A 152 14.50 25.89 33.77
CA GLY A 152 13.70 26.64 34.70
C GLY A 152 14.40 26.86 36.04
N ALA A 153 15.19 25.87 36.47
CA ALA A 153 15.94 26.02 37.72
C ALA A 153 16.92 27.18 37.63
N ALA A 154 17.56 27.35 36.47
CA ALA A 154 18.42 28.53 36.30
C ALA A 154 17.59 29.81 36.33
N ARG A 155 16.44 29.82 35.64
CA ARG A 155 15.55 30.97 35.73
C ARG A 155 15.11 31.24 37.16
N LEU A 156 14.80 30.18 37.92
CA LEU A 156 14.35 30.36 39.30
C LEU A 156 15.44 31.00 40.16
N VAL A 157 16.69 30.58 39.96
CA VAL A 157 17.79 31.11 40.75
C VAL A 157 18.01 32.59 40.46
N ALA A 158 17.91 32.98 39.19
CA ALA A 158 18.10 34.39 38.85
C ALA A 158 16.97 35.26 39.35
N ASP A 159 15.76 34.69 39.46
CA ASP A 159 14.60 35.49 39.85
C ASP A 159 14.50 35.64 41.35
N VAL A 160 14.76 34.57 42.11
CA VAL A 160 14.61 34.62 43.55
C VAL A 160 15.74 35.41 44.20
N LYS A 161 16.92 35.43 43.57
CA LYS A 161 18.06 36.20 44.06
C LYS A 161 18.46 35.81 45.48
N ASP A 162 18.25 34.54 45.81
CA ASP A 162 18.69 33.95 47.06
C ASP A 162 20.05 33.32 46.77
N ARG A 163 21.09 33.86 47.42
CA ARG A 163 22.47 33.44 47.17
C ARG A 163 22.73 31.99 47.58
N SER A 164 21.92 31.43 48.45
CA SER A 164 22.09 30.04 48.87
C SER A 164 21.62 29.03 47.81
N MET A 165 20.91 29.47 46.77
CA MET A 165 20.33 28.58 45.78
C MET A 165 21.25 28.46 44.56
N ALA A 166 21.63 27.22 44.24
CA ALA A 166 22.38 26.91 43.03
C ALA A 166 21.51 26.11 42.06
N ALA A 167 21.94 26.05 40.81
CA ALA A 167 21.22 25.27 39.81
C ALA A 167 22.17 24.38 39.02
N LEU A 168 21.63 23.25 38.54
CA LEU A 168 22.30 22.36 37.60
C LEU A 168 21.55 22.47 36.28
N ALA A 169 22.21 23.02 35.26
CA ALA A 169 21.53 23.39 34.03
C ALA A 169 22.53 23.35 32.88
N PRO A 170 22.05 23.35 31.63
CA PRO A 170 22.97 23.40 30.49
C PRO A 170 23.71 24.73 30.44
N ARG A 171 24.89 24.69 29.80
CA ARG A 171 25.75 25.88 29.75
C ARG A 171 25.00 27.08 29.19
N LEU A 172 24.10 26.86 28.21
CA LEU A 172 23.36 27.96 27.59
C LEU A 172 22.53 28.74 28.60
N ALA A 173 21.91 28.05 29.56
CA ALA A 173 21.07 28.75 30.51
C ALA A 173 21.87 29.72 31.37
N ALA A 174 23.15 29.43 31.61
CA ALA A 174 23.96 30.35 32.41
C ALA A 174 24.15 31.68 31.70
N ASP A 175 24.43 31.64 30.39
CA ASP A 175 24.60 32.88 29.63
C ASP A 175 23.31 33.67 29.58
N LEU A 176 22.17 32.99 29.39
CA LEU A 176 20.89 33.67 29.22
C LEU A 176 20.47 34.36 30.52
N TYR A 177 20.66 33.72 31.66
CA TYR A 177 20.20 34.27 32.93
C TYR A 177 21.30 34.99 33.70
N GLY A 178 22.46 35.23 33.08
CA GLY A 178 23.53 35.98 33.72
C GLY A 178 24.02 35.33 35.01
N LEU A 179 24.16 34.01 35.02
CA LEU A 179 24.59 33.27 36.19
C LEU A 179 26.06 32.86 36.06
N ASP A 180 26.73 32.79 37.21
CA ASP A 180 28.10 32.33 37.28
C ASP A 180 28.15 30.82 37.29
N ILE A 181 29.06 30.23 36.52
CA ILE A 181 29.29 28.79 36.55
C ILE A 181 30.39 28.53 37.56
N LEU A 182 30.00 27.96 38.70
CA LEU A 182 30.96 27.67 39.76
C LEU A 182 31.83 26.47 39.40
N GLU A 183 31.23 25.42 38.85
CA GLU A 183 31.96 24.23 38.42
C GLU A 183 31.38 23.73 37.11
N GLU A 184 32.25 23.16 36.27
CA GLU A 184 31.91 22.75 34.92
C GLU A 184 31.73 21.25 34.85
N ASN A 185 30.77 20.81 34.04
CA ASN A 185 30.61 19.39 33.69
C ASN A 185 30.59 18.49 34.92
N VAL A 186 29.64 18.77 35.82
CA VAL A 186 29.65 18.16 37.14
C VAL A 186 28.88 16.85 37.20
N GLU A 187 28.35 16.37 36.08
CA GLU A 187 27.55 15.15 36.07
C GLU A 187 28.39 13.92 36.43
N ASP A 188 27.71 12.93 37.01
CA ASP A 188 28.34 11.69 37.45
C ASP A 188 28.95 10.92 36.30
N SER A 189 28.11 10.46 35.37
CA SER A 189 28.56 9.63 34.26
C SER A 189 28.86 10.51 33.05
N GLU A 190 29.83 10.10 32.27
CA GLU A 190 30.11 10.79 31.02
C GLU A 190 29.41 10.06 29.89
N ASN A 191 29.58 10.58 28.68
CA ASN A 191 29.00 9.98 27.48
C ASN A 191 27.47 9.95 27.53
N ASN A 192 26.90 11.08 27.93
CA ASN A 192 25.46 11.27 27.91
C ASN A 192 25.16 12.07 26.65
N VAL A 193 24.53 11.43 25.67
CA VAL A 193 24.28 12.02 24.36
C VAL A 193 22.79 11.95 24.02
N THR A 194 22.27 13.01 23.42
CA THR A 194 20.90 13.05 22.92
C THR A 194 20.93 13.16 21.39
N ARG A 195 20.09 12.36 20.73
CA ARG A 195 19.95 12.41 19.28
C ARG A 195 18.66 13.14 18.94
N PHE A 196 18.78 14.20 18.16
CA PHE A 196 17.61 14.89 17.66
C PHE A 196 17.38 14.54 16.19
N VAL A 197 16.14 14.70 15.75
CA VAL A 197 15.78 14.74 14.34
C VAL A 197 15.13 16.09 14.06
N VAL A 198 15.43 16.64 12.89
CA VAL A 198 14.87 17.92 12.45
C VAL A 198 13.66 17.62 11.58
N LEU A 199 12.50 18.18 11.94
CA LEU A 199 11.25 17.86 11.26
C LEU A 199 10.79 19.04 10.41
N SER A 200 10.05 18.72 9.34
CA SER A 200 9.54 19.73 8.42
C SER A 200 8.17 19.29 7.91
N LYS A 201 7.35 20.29 7.57
CA LYS A 201 6.03 20.02 7.03
C LYS A 201 6.08 19.61 5.56
N ASN A 202 7.13 20.05 4.86
CA ASN A 202 7.30 19.82 3.45
C ASN A 202 8.47 18.88 3.20
N LYS A 203 8.30 18.02 2.21
CA LYS A 203 9.25 16.96 1.93
C LYS A 203 10.45 17.50 1.16
N GLN A 204 11.64 17.07 1.57
CA GLN A 204 12.87 17.46 0.91
C GLN A 204 13.86 16.33 1.14
N TRP A 205 14.36 15.76 0.05
CA TRP A 205 15.36 14.70 0.13
C TRP A 205 16.73 15.27 -0.13
N ALA A 206 17.72 14.80 0.62
CA ALA A 206 19.10 15.13 0.31
C ALA A 206 19.47 14.51 -1.03
N ALA A 207 20.40 15.16 -1.72
CA ALA A 207 20.81 14.64 -3.03
C ALA A 207 21.59 13.33 -2.86
N ARG A 208 21.46 12.46 -3.86
CA ARG A 208 22.13 11.16 -3.85
C ARG A 208 23.64 11.33 -3.75
N PRO A 209 24.30 10.62 -2.84
CA PRO A 209 25.75 10.79 -2.67
C PRO A 209 26.57 10.34 -3.88
N GLU A 210 27.57 11.14 -4.21
CA GLU A 210 28.55 10.82 -5.25
C GLU A 210 29.94 10.50 -4.72
N ASN A 211 30.32 11.05 -3.56
CA ASN A 211 31.64 10.85 -3.00
C ASN A 211 31.56 10.39 -1.55
N ASP A 212 30.82 9.32 -1.31
CA ASP A 212 30.77 8.66 0.00
C ASP A 212 30.25 9.61 1.08
N GLU A 213 29.27 10.44 0.72
CA GLU A 213 28.61 11.29 1.70
C GLU A 213 27.66 10.45 2.54
N ARG A 214 27.44 10.87 3.79
CA ARG A 214 26.59 10.13 4.70
C ARG A 214 25.14 10.54 4.50
N ILE A 215 24.29 9.56 4.21
CA ILE A 215 22.86 9.78 3.98
C ILE A 215 22.09 8.76 4.80
N VAL A 216 21.00 9.21 5.42
CA VAL A 216 20.14 8.34 6.22
C VAL A 216 18.75 8.35 5.60
N THR A 217 18.15 7.16 5.50
CA THR A 217 16.78 7.02 5.10
C THR A 217 16.02 6.38 6.24
N THR A 218 14.94 7.02 6.67
CA THR A 218 14.11 6.53 7.76
C THR A 218 12.76 6.14 7.18
N PHE A 219 12.26 4.97 7.55
CA PHE A 219 10.99 4.50 7.03
C PHE A 219 10.32 3.60 8.05
N VAL A 220 9.02 3.40 7.84
CA VAL A 220 8.23 2.44 8.60
C VAL A 220 7.67 1.42 7.63
N PHE A 221 7.38 0.23 8.15
CA PHE A 221 6.76 -0.84 7.37
C PHE A 221 6.06 -1.79 8.33
N ARG A 222 5.09 -2.53 7.80
CA ARG A 222 4.33 -3.50 8.57
C ARG A 222 4.53 -4.92 8.07
N VAL A 223 4.61 -5.87 9.00
CA VAL A 223 4.59 -7.29 8.70
C VAL A 223 3.56 -7.99 9.59
N ARG A 224 3.21 -9.20 9.20
CA ARG A 224 2.43 -10.09 10.05
C ARG A 224 3.28 -10.56 11.23
N ASN A 225 2.61 -10.82 12.35
CA ASN A 225 3.29 -11.24 13.58
C ASN A 225 3.45 -12.76 13.60
N VAL A 226 4.22 -13.29 12.64
CA VAL A 226 4.44 -14.73 12.54
C VAL A 226 5.94 -14.98 12.39
N PRO A 227 6.40 -16.19 12.73
CA PRO A 227 7.86 -16.45 12.68
C PRO A 227 8.44 -16.14 11.31
N ALA A 228 9.66 -15.58 11.31
CA ALA A 228 10.47 -15.24 10.15
C ALA A 228 9.95 -14.03 9.36
N ALA A 229 8.89 -13.35 9.83
CA ALA A 229 8.33 -12.25 9.06
C ALA A 229 9.28 -11.04 9.01
N LEU A 230 9.91 -10.69 10.14
CA LEU A 230 10.91 -9.63 10.10
C LEU A 230 12.15 -10.07 9.30
N TYR A 231 12.56 -11.33 9.48
CA TYR A 231 13.69 -11.90 8.74
C TYR A 231 13.56 -11.70 7.23
N LYS A 232 12.38 -11.99 6.67
CA LYS A 232 12.14 -11.75 5.25
C LYS A 232 12.34 -10.28 4.89
N ALA A 233 11.85 -9.37 5.73
CA ALA A 233 11.90 -7.96 5.38
C ALA A 233 13.34 -7.43 5.40
N LEU A 234 14.19 -7.95 6.28
CA LEU A 234 15.59 -7.55 6.35
C LEU A 234 16.45 -8.24 5.29
N GLY A 235 15.93 -9.29 4.64
CA GLY A 235 16.75 -10.08 3.73
C GLY A 235 17.44 -9.25 2.66
N GLY A 236 16.74 -8.23 2.15
CA GLY A 236 17.29 -7.45 1.05
C GLY A 236 18.43 -6.56 1.51
N PHE A 237 18.32 -6.02 2.73
CA PHE A 237 19.43 -5.22 3.24
C PHE A 237 20.65 -6.10 3.52
N ALA A 238 20.41 -7.33 3.97
CA ALA A 238 21.50 -8.24 4.33
C ALA A 238 22.38 -8.58 3.13
N THR A 239 21.77 -8.89 1.97
CA THR A 239 22.52 -9.31 0.79
C THR A 239 22.93 -8.16 -0.12
N ASN A 240 22.58 -6.92 0.19
CA ASN A 240 23.03 -5.81 -0.64
C ASN A 240 23.99 -4.89 0.08
N GLY A 241 24.39 -5.22 1.31
CA GLY A 241 25.34 -4.41 2.03
C GLY A 241 24.78 -3.09 2.51
N VAL A 242 23.49 -3.05 2.85
CA VAL A 242 22.88 -1.85 3.40
C VAL A 242 22.92 -1.98 4.93
N ASN A 243 23.61 -1.06 5.58
CA ASN A 243 23.70 -1.07 7.05
C ASN A 243 22.47 -0.42 7.64
N MET A 244 21.82 -1.13 8.55
CA MET A 244 20.70 -0.59 9.31
C MET A 244 21.18 -0.20 10.70
N THR A 245 20.86 1.02 11.14
CA THR A 245 21.38 1.53 12.41
C THR A 245 20.30 1.78 13.44
N LYS A 246 19.02 1.64 13.10
CA LYS A 246 17.97 1.76 14.08
C LYS A 246 16.81 0.88 13.68
N LEU A 247 16.20 0.21 14.66
CA LEU A 247 15.07 -0.66 14.36
C LEU A 247 14.25 -0.86 15.63
N GLU A 248 12.98 -0.50 15.58
CA GLU A 248 12.11 -0.56 16.74
C GLU A 248 10.79 -1.22 16.37
N SER A 249 10.38 -2.19 17.18
CA SER A 249 9.13 -2.88 16.95
C SER A 249 7.99 -2.19 17.71
N TYR A 250 6.80 -2.30 17.13
CA TYR A 250 5.60 -1.70 17.70
C TYR A 250 4.45 -2.59 17.28
N GLN A 251 3.85 -3.31 18.24
CA GLN A 251 2.71 -4.16 17.93
C GLN A 251 1.46 -3.30 17.73
N LEU A 252 0.74 -3.53 16.63
CA LEU A 252 -0.36 -2.67 16.21
C LEU A 252 -1.62 -2.92 17.02
N GLY A 253 -2.37 -1.85 17.30
CA GLY A 253 -3.61 -1.95 18.04
C GLY A 253 -3.44 -2.65 19.38
N GLY A 254 -4.57 -3.15 19.89
CA GLY A 254 -4.50 -3.99 21.08
C GLY A 254 -4.12 -5.43 20.79
N ARG A 255 -4.39 -5.91 19.57
CA ARG A 255 -4.15 -7.30 19.24
C ARG A 255 -2.67 -7.54 18.90
N PHE A 256 -2.33 -8.81 18.67
CA PHE A 256 -0.98 -9.23 18.32
C PHE A 256 -0.94 -9.84 16.93
N ILE A 257 -1.71 -9.26 16.01
CA ILE A 257 -1.88 -9.77 14.66
C ILE A 257 -0.80 -9.23 13.73
N ALA A 258 -0.39 -7.97 13.91
CA ALA A 258 0.53 -7.32 13.00
C ALA A 258 1.48 -6.43 13.78
N THR A 259 2.61 -6.11 13.17
CA THR A 259 3.64 -5.34 13.84
C THR A 259 4.16 -4.25 12.92
N GLN A 260 4.36 -3.06 13.46
CA GLN A 260 4.99 -1.98 12.70
C GLN A 260 6.42 -1.78 13.18
N PHE A 261 7.31 -1.42 12.24
CA PHE A 261 8.72 -1.23 12.52
C PHE A 261 9.13 0.16 12.07
N TYR A 262 9.99 0.77 12.87
CA TYR A 262 10.60 2.06 12.57
C TYR A 262 12.09 1.79 12.32
N ALA A 263 12.61 2.28 11.20
CA ALA A 263 13.96 1.89 10.80
C ALA A 263 14.71 3.05 10.18
N ASP A 264 16.02 3.10 10.44
CA ASP A 264 16.97 3.95 9.75
C ASP A 264 17.97 3.05 9.03
N ILE A 265 18.28 3.36 7.77
CA ILE A 265 19.38 2.73 7.06
C ILE A 265 20.31 3.83 6.58
N GLU A 266 21.56 3.45 6.34
CA GLU A 266 22.57 4.33 5.75
C GLU A 266 22.57 4.08 4.25
N GLY A 267 21.97 4.98 3.51
CA GLY A 267 21.81 4.85 2.08
C GLY A 267 20.74 5.81 1.58
N HIS A 268 20.77 6.03 0.27
CA HIS A 268 19.85 6.87 -0.48
C HIS A 268 18.97 5.99 -1.38
N PRO A 269 17.68 6.31 -1.48
CA PRO A 269 16.77 5.41 -2.25
C PRO A 269 17.12 5.25 -3.73
N GLU A 270 17.90 6.17 -4.31
CA GLU A 270 18.30 6.06 -5.70
C GLU A 270 19.58 5.25 -5.91
N GLU A 271 20.31 4.91 -4.85
CA GLU A 271 21.43 3.99 -5.01
C GLU A 271 20.90 2.61 -5.35
N ARG A 272 21.57 1.94 -6.29
CA ARG A 272 21.08 0.65 -6.77
C ARG A 272 20.90 -0.32 -5.63
N SER A 273 21.88 -0.40 -4.73
CA SER A 273 21.82 -1.35 -3.63
C SER A 273 20.60 -1.11 -2.74
N VAL A 274 20.34 0.16 -2.41
CA VAL A 274 19.18 0.46 -1.58
C VAL A 274 17.89 0.22 -2.37
N GLN A 275 17.89 0.61 -3.64
CA GLN A 275 16.74 0.36 -4.50
C GLN A 275 16.36 -1.12 -4.49
N LEU A 276 17.35 -2.02 -4.57
CA LEU A 276 17.06 -3.44 -4.58
C LEU A 276 16.54 -3.91 -3.23
N ALA A 277 17.21 -3.52 -2.14
CA ALA A 277 16.77 -3.90 -0.81
C ALA A 277 15.33 -3.45 -0.54
N LEU A 278 15.02 -2.19 -0.87
CA LEU A 278 13.66 -1.70 -0.65
C LEU A 278 12.66 -2.45 -1.52
N GLU A 279 13.07 -2.83 -2.74
CA GLU A 279 12.18 -3.59 -3.61
C GLU A 279 11.87 -4.95 -3.01
N GLU A 280 12.89 -5.59 -2.43
CA GLU A 280 12.66 -6.86 -1.74
C GLU A 280 11.81 -6.64 -0.49
N LEU A 281 12.05 -5.52 0.20
CA LEU A 281 11.24 -5.20 1.38
C LEU A 281 9.76 -5.06 1.00
N ARG A 282 9.49 -4.47 -0.17
CA ARG A 282 8.11 -4.26 -0.59
C ARG A 282 7.39 -5.57 -0.89
N PHE A 283 8.10 -6.62 -1.31
CA PHE A 283 7.43 -7.89 -1.56
C PHE A 283 7.00 -8.53 -0.26
N PHE A 284 7.74 -8.28 0.81
CA PHE A 284 7.57 -8.95 2.08
C PHE A 284 6.86 -8.09 3.13
N THR A 285 6.39 -6.90 2.77
CA THR A 285 5.73 -6.03 3.74
C THR A 285 4.52 -5.35 3.14
N LYS A 286 3.78 -4.69 4.01
CA LYS A 286 2.71 -3.78 3.62
C LYS A 286 3.05 -2.39 4.13
N GLU A 287 2.49 -1.39 3.47
CA GLU A 287 2.50 -0.01 3.93
C GLU A 287 3.91 0.50 4.22
N VAL A 288 4.78 0.39 3.23
CA VAL A 288 6.11 0.97 3.32
C VAL A 288 5.98 2.47 3.10
N ARG A 289 6.48 3.25 4.05
CA ARG A 289 6.44 4.70 3.98
C ARG A 289 7.80 5.26 4.32
N ILE A 290 8.40 6.01 3.40
CA ILE A 290 9.66 6.68 3.67
C ILE A 290 9.37 7.99 4.40
N LEU A 291 9.90 8.13 5.62
CA LEU A 291 9.65 9.31 6.43
C LEU A 291 10.72 10.39 6.28
N GLY A 292 11.86 10.06 5.67
CA GLY A 292 12.87 11.07 5.44
C GLY A 292 14.15 10.56 4.82
N VAL A 293 14.84 11.46 4.10
CA VAL A 293 16.11 11.16 3.43
C VAL A 293 17.01 12.36 3.69
N TYR A 294 18.02 12.19 4.56
CA TYR A 294 18.70 13.35 5.12
C TYR A 294 20.19 13.05 5.34
N LYS A 295 20.97 14.13 5.43
CA LYS A 295 22.40 14.01 5.70
C LYS A 295 22.63 13.41 7.08
N GLY A 296 23.65 12.55 7.18
CA GLY A 296 23.98 11.89 8.43
C GLY A 296 25.11 12.59 9.15
N SER A 297 25.05 12.55 10.48
CA SER A 297 26.06 13.22 11.28
C SER A 297 27.40 12.50 11.19
N ASP A 298 28.48 13.28 11.32
CA ASP A 298 29.83 12.74 11.26
C ASP A 298 30.09 11.72 12.36
N ILE A 299 29.23 11.66 13.38
CA ILE A 299 29.39 10.70 14.47
C ILE A 299 29.25 9.27 13.98
N ARG A 300 28.65 9.06 12.81
CA ARG A 300 28.47 7.73 12.24
C ARG A 300 29.76 7.11 11.74
N GLY A 301 30.80 7.91 11.50
CA GLY A 301 32.07 7.38 11.05
C GLY A 301 32.87 6.66 12.12
N MET B 22 -18.20 15.48 -49.49
CA MET B 22 -17.36 16.59 -49.08
C MET B 22 -16.39 16.16 -47.97
N LYS B 23 -15.10 16.45 -48.16
CA LYS B 23 -14.07 16.10 -47.20
C LYS B 23 -14.08 17.05 -46.01
N THR B 24 -14.19 16.51 -44.80
CA THR B 24 -14.15 17.30 -43.58
C THR B 24 -12.74 17.45 -43.01
N ASN B 25 -11.76 16.70 -43.54
CA ASN B 25 -10.39 16.74 -43.06
C ASN B 25 -10.26 16.33 -41.60
N ARG B 26 -11.27 15.66 -41.06
CA ARG B 26 -11.26 15.22 -39.67
C ARG B 26 -11.00 13.71 -39.60
N ILE B 27 -10.23 13.29 -38.59
CA ILE B 27 -9.96 11.87 -38.35
C ILE B 27 -10.33 11.57 -36.89
N SER B 28 -11.34 10.73 -36.70
CA SER B 28 -11.85 10.46 -35.36
C SER B 28 -10.98 9.46 -34.61
N PHE B 29 -10.94 9.63 -33.29
CA PHE B 29 -10.30 8.65 -32.40
C PHE B 29 -11.09 8.61 -31.10
N GLN B 30 -10.93 7.52 -30.37
CA GLN B 30 -11.56 7.37 -29.07
C GLN B 30 -10.66 7.96 -27.99
N GLY B 31 -11.21 8.90 -27.19
CA GLY B 31 -10.54 9.45 -26.04
C GLY B 31 -10.56 10.95 -26.04
N GLU B 32 -9.77 11.52 -25.14
CA GLU B 32 -9.62 12.97 -25.07
C GLU B 32 -8.41 13.40 -25.88
N ALA B 33 -8.36 14.70 -26.16
CA ALA B 33 -7.18 15.25 -26.81
C ALA B 33 -5.94 14.95 -25.97
N GLY B 34 -4.85 14.60 -26.66
CA GLY B 34 -3.61 14.22 -25.99
C GLY B 34 -3.40 12.74 -25.80
N ALA B 35 -4.36 11.89 -26.17
CA ALA B 35 -4.20 10.46 -25.96
C ALA B 35 -3.18 9.86 -26.93
N ASN B 36 -2.89 8.58 -26.75
CA ASN B 36 -1.99 7.91 -27.68
C ASN B 36 -2.62 7.82 -29.07
N SER B 37 -3.94 7.60 -29.12
CA SER B 37 -4.64 7.57 -30.41
C SER B 37 -4.52 8.91 -31.14
N ASP B 38 -4.63 10.01 -30.38
CA ASP B 38 -4.40 11.33 -30.94
C ASP B 38 -2.98 11.45 -31.48
N THR B 39 -2.01 10.94 -30.72
CA THR B 39 -0.63 10.92 -31.19
C THR B 39 -0.49 10.13 -32.49
N ALA B 40 -1.19 9.00 -32.57
CA ALA B 40 -1.16 8.21 -33.81
C ALA B 40 -1.70 9.02 -34.99
N CYS B 41 -2.83 9.72 -34.80
CA CYS B 41 -3.38 10.54 -35.87
C CYS B 41 -2.37 11.57 -36.37
N ARG B 42 -1.68 12.24 -35.43
CA ARG B 42 -0.77 13.31 -35.81
C ARG B 42 0.50 12.77 -36.46
N ASN B 43 0.97 11.60 -36.02
CA ASN B 43 2.19 11.05 -36.61
C ASN B 43 1.94 10.58 -38.03
N MET B 44 0.81 9.91 -38.26
CA MET B 44 0.53 9.31 -39.55
C MET B 44 -0.15 10.26 -40.54
N PHE B 45 -1.06 11.11 -40.06
CA PHE B 45 -1.77 12.08 -40.90
C PHE B 45 -1.53 13.48 -40.35
N PRO B 46 -0.31 14.01 -40.53
CA PRO B 46 0.04 15.28 -39.88
C PRO B 46 -0.83 16.45 -40.30
N ASP B 47 -1.37 16.43 -41.51
CA ASP B 47 -2.18 17.54 -42.00
C ASP B 47 -3.68 17.35 -41.74
N MET B 48 -4.07 16.36 -40.97
CA MET B 48 -5.48 16.17 -40.63
C MET B 48 -5.75 16.71 -39.22
N GLU B 49 -7.02 16.95 -38.94
CA GLU B 49 -7.42 17.52 -37.65
C GLU B 49 -8.09 16.45 -36.81
N PRO B 50 -7.46 15.97 -35.74
CA PRO B 50 -8.07 14.91 -34.92
C PRO B 50 -9.40 15.33 -34.32
N LEU B 51 -10.32 14.37 -34.27
CA LEU B 51 -11.68 14.55 -33.76
C LEU B 51 -11.93 13.62 -32.58
N PRO B 52 -11.80 14.10 -31.34
CA PRO B 52 -11.99 13.19 -30.19
C PRO B 52 -13.44 12.74 -30.07
N CYS B 53 -13.62 11.48 -29.66
CA CYS B 53 -14.93 10.89 -29.46
C CYS B 53 -14.90 10.05 -28.19
N PRO B 54 -16.02 10.01 -27.44
CA PRO B 54 -15.99 9.34 -26.12
C PRO B 54 -15.82 7.84 -26.21
N THR B 55 -16.37 7.18 -27.23
CA THR B 55 -16.27 5.73 -27.36
C THR B 55 -15.87 5.35 -28.78
N PHE B 56 -15.41 4.09 -28.91
CA PHE B 56 -15.07 3.55 -30.24
C PHE B 56 -16.25 3.61 -31.19
N GLU B 57 -17.44 3.22 -30.71
CA GLU B 57 -18.64 3.27 -31.55
C GLU B 57 -18.88 4.68 -32.11
N ASP B 58 -18.74 5.71 -31.27
CA ASP B 58 -18.91 7.08 -31.76
C ASP B 58 -17.84 7.45 -32.78
N ALA B 59 -16.61 6.95 -32.58
CA ALA B 59 -15.56 7.16 -33.57
C ALA B 59 -15.92 6.49 -34.88
N PHE B 60 -16.57 5.32 -34.81
CA PHE B 60 -17.07 4.69 -36.02
C PHE B 60 -18.16 5.53 -36.66
N ASN B 61 -19.12 5.98 -35.85
CA ASN B 61 -20.24 6.75 -36.36
C ASN B 61 -19.79 8.04 -37.04
N ALA B 62 -18.70 8.65 -36.55
CA ALA B 62 -18.20 9.87 -37.16
C ALA B 62 -17.82 9.65 -38.62
N VAL B 63 -17.30 8.47 -38.95
CA VAL B 63 -16.94 8.18 -40.35
C VAL B 63 -18.17 7.81 -41.16
N GLU B 64 -19.10 7.07 -40.54
CA GLU B 64 -20.32 6.67 -41.24
C GLU B 64 -21.19 7.89 -41.55
N THR B 65 -21.28 8.85 -40.62
CA THR B 65 -22.12 10.03 -40.85
C THR B 65 -21.44 11.14 -41.63
N GLY B 66 -20.13 11.05 -41.87
CA GLY B 66 -19.46 12.13 -42.55
C GLY B 66 -18.87 13.19 -41.65
N ALA B 67 -18.94 13.01 -40.33
CA ALA B 67 -18.25 13.92 -39.43
C ALA B 67 -16.75 13.85 -39.61
N ALA B 68 -16.23 12.66 -39.93
CA ALA B 68 -14.80 12.44 -40.11
C ALA B 68 -14.55 11.65 -41.38
N ASP B 69 -13.43 11.95 -42.04
CA ASP B 69 -13.01 11.19 -43.22
C ASP B 69 -12.42 9.83 -42.86
N LEU B 70 -11.76 9.71 -41.71
CA LEU B 70 -11.09 8.48 -41.32
C LEU B 70 -11.29 8.26 -39.83
N ALA B 71 -11.01 7.04 -39.38
CA ALA B 71 -10.99 6.71 -37.96
C ALA B 71 -9.72 5.95 -37.64
N MET B 72 -9.11 6.30 -36.50
CA MET B 72 -7.89 5.70 -36.00
C MET B 72 -8.27 4.86 -34.78
N ILE B 73 -8.23 3.54 -34.93
CA ILE B 73 -8.78 2.61 -33.97
C ILE B 73 -7.69 1.64 -33.52
N PRO B 74 -7.42 1.53 -32.22
CA PRO B 74 -6.47 0.50 -31.76
C PRO B 74 -7.11 -0.87 -31.76
N ILE B 75 -6.35 -1.87 -32.21
CA ILE B 75 -6.81 -3.24 -32.21
C ILE B 75 -5.86 -4.21 -31.50
N GLU B 76 -4.59 -3.86 -31.30
CA GLU B 76 -3.67 -4.73 -30.58
C GLU B 76 -2.82 -3.90 -29.61
N ASN B 77 -2.61 -4.45 -28.41
CA ASN B 77 -1.66 -3.83 -27.48
C ASN B 77 -0.84 -4.90 -26.79
N THR B 78 0.48 -4.67 -26.72
CA THR B 78 1.42 -5.65 -26.16
C THR B 78 1.16 -5.97 -24.69
N LEU B 79 0.63 -5.04 -23.91
CA LEU B 79 0.49 -5.34 -22.49
C LEU B 79 -0.95 -5.34 -22.01
N ALA B 80 -1.84 -5.97 -22.78
CA ALA B 80 -3.23 -6.21 -22.38
C ALA B 80 -3.99 -4.90 -22.12
N GLY B 81 -3.64 -3.85 -22.86
CA GLY B 81 -4.37 -2.60 -22.75
C GLY B 81 -5.71 -2.66 -23.47
N ARG B 82 -6.45 -1.55 -23.35
CA ARG B 82 -7.78 -1.46 -23.92
C ARG B 82 -7.71 -1.28 -25.43
N VAL B 83 -8.39 -2.17 -26.16
CA VAL B 83 -8.47 -2.11 -27.61
C VAL B 83 -9.93 -2.34 -28.03
N ALA B 84 -10.26 -1.84 -29.21
CA ALA B 84 -11.59 -2.05 -29.74
C ALA B 84 -11.71 -3.44 -30.32
N ASP B 85 -12.89 -4.04 -30.15
CA ASP B 85 -13.22 -5.32 -30.78
C ASP B 85 -13.53 -5.05 -32.24
N ILE B 86 -12.48 -5.01 -33.07
CA ILE B 86 -12.64 -4.69 -34.48
C ILE B 86 -13.49 -5.74 -35.20
N HIS B 87 -13.40 -7.01 -34.80
CA HIS B 87 -14.15 -8.04 -35.50
C HIS B 87 -15.65 -7.89 -35.31
N TYR B 88 -16.08 -7.31 -34.20
CA TYR B 88 -17.51 -7.12 -34.09
C TYR B 88 -17.97 -5.87 -34.85
N LEU B 89 -17.19 -4.79 -34.75
CA LEU B 89 -17.66 -3.50 -35.24
C LEU B 89 -17.52 -3.38 -36.76
N LEU B 90 -16.39 -3.79 -37.32
CA LEU B 90 -16.09 -3.58 -38.73
C LEU B 90 -16.99 -4.35 -39.70
N PRO B 91 -17.27 -5.65 -39.47
CA PRO B 91 -18.20 -6.35 -40.36
C PRO B 91 -19.59 -5.75 -40.42
N LEU B 92 -20.03 -5.07 -39.35
CA LEU B 92 -21.36 -4.48 -39.37
C LEU B 92 -21.38 -3.10 -40.04
N ALA B 93 -20.26 -2.40 -40.06
CA ALA B 93 -20.16 -1.13 -40.74
C ALA B 93 -19.97 -1.35 -42.25
N ASP B 94 -20.17 -0.28 -43.00
CA ASP B 94 -19.86 -0.26 -44.43
C ASP B 94 -18.52 0.43 -44.66
N MET B 95 -17.49 -0.13 -44.02
CA MET B 95 -16.18 0.50 -43.97
C MET B 95 -15.07 -0.51 -44.27
N HIS B 96 -13.89 0.03 -44.58
CA HIS B 96 -12.70 -0.72 -44.96
C HIS B 96 -11.47 -0.22 -44.21
N ILE B 97 -10.49 -1.12 -44.11
CA ILE B 97 -9.17 -0.77 -43.57
C ILE B 97 -8.28 -0.30 -44.72
N VAL B 98 -7.73 0.91 -44.58
CA VAL B 98 -6.88 1.52 -45.59
C VAL B 98 -5.49 1.85 -45.03
N GLY B 99 -5.15 1.31 -43.87
CA GLY B 99 -3.84 1.57 -43.30
C GLY B 99 -3.69 1.00 -41.92
N GLU B 100 -2.44 0.91 -41.45
CA GLU B 100 -2.16 0.46 -40.10
C GLU B 100 -1.06 1.35 -39.53
N TYR B 101 -0.93 1.32 -38.20
CA TYR B 101 0.09 2.13 -37.54
C TYR B 101 0.49 1.45 -36.24
N PHE B 102 1.80 1.43 -35.98
CA PHE B 102 2.36 0.85 -34.76
C PHE B 102 3.03 1.95 -33.95
N LEU B 103 2.52 2.18 -32.74
CA LEU B 103 3.01 3.26 -31.88
C LEU B 103 3.62 2.70 -30.61
N PRO B 104 4.90 2.95 -30.33
CA PRO B 104 5.44 2.61 -29.00
C PRO B 104 4.77 3.47 -27.94
N ILE B 105 4.28 2.80 -26.89
CA ILE B 105 3.58 3.49 -25.81
C ILE B 105 4.57 3.89 -24.74
N HIS B 106 4.59 5.18 -24.40
CA HIS B 106 5.46 5.71 -23.37
C HIS B 106 4.67 6.63 -22.46
N PHE B 107 5.04 6.64 -21.17
CA PHE B 107 4.40 7.48 -20.18
C PHE B 107 5.40 8.52 -19.71
N GLN B 108 4.92 9.75 -19.58
CA GLN B 108 5.74 10.87 -19.12
C GLN B 108 5.16 11.41 -17.83
N LEU B 109 6.03 11.73 -16.87
CA LEU B 109 5.63 12.32 -15.61
C LEU B 109 5.56 13.83 -15.79
N MET B 110 4.37 14.40 -15.73
CA MET B 110 4.20 15.81 -16.02
C MET B 110 3.53 16.55 -14.86
N VAL B 111 3.91 17.82 -14.71
CA VAL B 111 3.47 18.68 -13.62
C VAL B 111 3.25 20.10 -14.16
N LEU B 112 2.70 20.95 -13.30
CA LEU B 112 2.52 22.34 -13.66
C LEU B 112 3.87 23.02 -13.86
N PRO B 113 3.94 24.04 -14.71
CA PRO B 113 5.25 24.63 -15.06
C PRO B 113 6.00 25.13 -13.84
N GLY B 114 7.29 24.80 -13.79
CA GLY B 114 8.16 25.19 -12.70
C GLY B 114 8.05 24.37 -11.43
N VAL B 115 7.16 23.38 -11.38
CA VAL B 115 7.00 22.56 -10.19
C VAL B 115 8.17 21.58 -10.05
N ARG B 116 8.69 21.46 -8.84
CA ARG B 116 9.82 20.60 -8.54
C ARG B 116 9.35 19.23 -8.06
N ARG B 117 10.21 18.22 -8.24
CA ARG B 117 9.88 16.84 -7.89
C ARG B 117 9.39 16.69 -6.45
N GLU B 118 10.01 17.42 -5.51
CA GLU B 118 9.71 17.31 -4.09
C GLU B 118 8.26 17.65 -3.77
N GLU B 119 7.62 18.45 -4.62
CA GLU B 119 6.27 18.93 -4.35
C GLU B 119 5.20 17.88 -4.62
N ILE B 120 5.50 16.89 -5.47
CA ILE B 120 4.47 15.94 -5.90
C ILE B 120 4.03 15.08 -4.73
N LYS B 121 2.72 14.96 -4.55
CA LYS B 121 2.15 14.04 -3.59
C LYS B 121 1.29 12.96 -4.23
N THR B 122 0.51 13.31 -5.26
CA THR B 122 -0.37 12.36 -5.92
C THR B 122 -0.05 12.35 -7.41
N VAL B 123 -0.19 11.17 -8.01
CA VAL B 123 0.04 10.98 -9.43
C VAL B 123 -1.25 10.42 -10.03
N HIS B 124 -1.75 11.09 -11.07
CA HIS B 124 -3.05 10.77 -11.63
C HIS B 124 -2.89 10.16 -13.01
N SER B 125 -3.60 9.07 -13.25
CA SER B 125 -3.58 8.39 -14.54
C SER B 125 -4.70 7.36 -14.52
N HIS B 126 -4.91 6.71 -15.67
CA HIS B 126 -5.89 5.64 -15.74
C HIS B 126 -5.36 4.46 -14.93
N ILE B 127 -6.29 3.75 -14.28
CA ILE B 127 -5.87 2.69 -13.35
C ILE B 127 -4.94 1.70 -14.01
N HIS B 128 -5.11 1.46 -15.31
CA HIS B 128 -4.23 0.52 -16.00
C HIS B 128 -2.84 1.11 -16.17
N ALA B 129 -2.75 2.42 -16.37
CA ALA B 129 -1.44 3.07 -16.43
C ALA B 129 -0.73 3.05 -15.08
N LEU B 130 -1.46 3.33 -13.99
CA LEU B 130 -0.85 3.27 -12.66
C LEU B 130 -0.22 1.90 -12.41
N GLY B 131 -0.91 0.83 -12.84
CA GLY B 131 -0.36 -0.50 -12.65
C GLY B 131 0.87 -0.77 -13.47
N GLN B 132 1.10 0.02 -14.52
CA GLN B 132 2.27 -0.09 -15.38
C GLN B 132 3.38 0.86 -14.97
N CYS B 133 3.16 1.67 -13.95
CA CYS B 133 4.14 2.64 -13.48
C CYS B 133 4.33 2.50 -11.98
N ARG B 134 4.33 1.25 -11.50
CA ARG B 134 4.44 1.01 -10.07
C ARG B 134 5.81 1.43 -9.53
N ASN B 135 6.87 1.27 -10.33
CA ASN B 135 8.21 1.54 -9.82
C ASN B 135 8.41 3.01 -9.47
N VAL B 136 8.06 3.93 -10.37
CA VAL B 136 8.29 5.34 -10.05
C VAL B 136 7.31 5.83 -8.99
N ILE B 137 6.15 5.20 -8.87
CA ILE B 137 5.20 5.60 -7.83
C ILE B 137 5.69 5.14 -6.45
N ARG B 138 6.25 3.94 -6.36
CA ARG B 138 6.68 3.43 -5.07
C ARG B 138 8.07 3.95 -4.68
N GLN B 139 8.98 4.08 -5.65
CA GLN B 139 10.32 4.58 -5.34
C GLN B 139 10.29 5.99 -4.81
N ASN B 140 9.29 6.79 -5.20
CA ASN B 140 9.19 8.16 -4.73
C ASN B 140 8.12 8.34 -3.64
N GLY B 141 7.36 7.31 -3.31
CA GLY B 141 6.35 7.42 -2.26
C GLY B 141 5.13 8.26 -2.61
N TRP B 142 4.67 8.18 -3.85
CA TRP B 142 3.51 8.96 -4.28
C TRP B 142 2.24 8.12 -4.15
N LYS B 143 1.09 8.80 -4.21
CA LYS B 143 -0.20 8.14 -4.15
C LYS B 143 -0.84 8.19 -5.54
N GLY B 144 -0.98 7.03 -6.17
CA GLY B 144 -1.67 6.98 -7.44
C GLY B 144 -3.16 7.23 -7.24
N VAL B 145 -3.75 8.05 -8.09
CA VAL B 145 -5.17 8.38 -8.00
C VAL B 145 -5.82 8.04 -9.34
N ILE B 146 -6.89 7.23 -9.28
CA ILE B 146 -7.59 6.80 -10.47
C ILE B 146 -8.15 7.99 -11.22
N ALA B 147 -8.06 7.94 -12.55
CA ALA B 147 -8.70 8.91 -13.42
C ALA B 147 -9.30 8.18 -14.61
N GLY B 148 -10.47 8.64 -15.06
CA GLY B 148 -11.20 7.93 -16.09
C GLY B 148 -10.41 7.77 -17.38
N ASP B 149 -9.58 8.76 -17.71
CA ASP B 149 -8.87 8.81 -18.96
C ASP B 149 -7.48 9.35 -18.66
N THR B 150 -6.48 8.80 -19.33
CA THR B 150 -5.10 9.18 -19.05
C THR B 150 -4.82 10.62 -19.46
N ALA B 151 -5.11 10.95 -20.72
CA ALA B 151 -4.97 12.33 -21.15
C ALA B 151 -5.86 13.25 -20.33
N GLY B 152 -7.02 12.75 -19.87
CA GLY B 152 -7.86 13.53 -19.00
C GLY B 152 -7.20 13.90 -17.70
N ALA B 153 -6.33 13.02 -17.18
CA ALA B 153 -5.56 13.33 -15.98
C ALA B 153 -4.64 14.52 -16.22
N ALA B 154 -4.03 14.60 -17.40
CA ALA B 154 -3.23 15.78 -17.75
C ALA B 154 -4.11 17.02 -17.82
N ARG B 155 -5.31 16.90 -18.40
CA ARG B 155 -6.26 18.00 -18.39
C ARG B 155 -6.59 18.42 -16.96
N LEU B 156 -6.78 17.44 -16.08
CA LEU B 156 -7.17 17.73 -14.70
C LEU B 156 -6.09 18.54 -13.99
N VAL B 157 -4.83 18.17 -14.17
CA VAL B 157 -3.73 18.88 -13.52
C VAL B 157 -3.64 20.31 -14.02
N ALA B 158 -3.87 20.52 -15.31
CA ALA B 158 -3.80 21.87 -15.84
C ALA B 158 -4.96 22.74 -15.35
N ASP B 159 -6.10 22.12 -15.03
CA ASP B 159 -7.27 22.90 -14.62
C ASP B 159 -7.25 23.22 -13.13
N VAL B 160 -6.90 22.25 -12.28
CA VAL B 160 -6.99 22.48 -10.84
C VAL B 160 -5.85 23.35 -10.32
N LYS B 161 -4.67 23.28 -10.98
CA LYS B 161 -3.53 24.13 -10.60
C LYS B 161 -3.07 23.90 -9.16
N ASP B 162 -3.17 22.66 -8.71
CA ASP B 162 -2.62 22.21 -7.45
C ASP B 162 -1.23 21.65 -7.72
N ARG B 163 -0.20 22.32 -7.20
CA ARG B 163 1.19 21.97 -7.52
C ARG B 163 1.55 20.56 -7.04
N SER B 164 0.82 20.01 -6.07
CA SER B 164 1.09 18.66 -5.59
C SER B 164 0.59 17.57 -6.52
N MET B 165 -0.22 17.89 -7.52
CA MET B 165 -0.82 16.89 -8.42
C MET B 165 0.00 16.77 -9.69
N ALA B 166 0.48 15.55 -9.97
CA ALA B 166 1.19 15.19 -11.18
C ALA B 166 0.36 14.20 -12.01
N ALA B 167 0.73 14.05 -13.27
CA ALA B 167 0.05 13.11 -14.15
C ALA B 167 1.06 12.22 -14.87
N LEU B 168 0.61 11.02 -15.24
CA LEU B 168 1.34 10.15 -16.17
C LEU B 168 0.51 10.06 -17.43
N ALA B 169 1.02 10.60 -18.53
CA ALA B 169 0.26 10.74 -19.76
C ALA B 169 1.21 10.71 -20.93
N PRO B 170 0.71 10.53 -22.16
CA PRO B 170 1.59 10.59 -23.33
C PRO B 170 2.21 11.98 -23.49
N ARG B 171 3.36 12.01 -24.16
CA ARG B 171 4.11 13.25 -24.33
C ARG B 171 3.25 14.35 -24.95
N LEU B 172 2.36 13.98 -25.87
CA LEU B 172 1.52 14.96 -26.57
C LEU B 172 0.69 15.79 -25.60
N ALA B 173 0.17 15.16 -24.54
CA ALA B 173 -0.67 15.88 -23.61
C ALA B 173 0.09 17.02 -22.92
N ALA B 174 1.40 16.85 -22.74
CA ALA B 174 2.21 17.91 -22.13
C ALA B 174 2.25 19.15 -23.01
N ASP B 175 2.41 18.96 -24.33
CA ASP B 175 2.43 20.09 -25.24
C ASP B 175 1.08 20.78 -25.28
N LEU B 176 -0.01 20.01 -25.38
CA LEU B 176 -1.33 20.61 -25.50
C LEU B 176 -1.75 21.32 -24.23
N TYR B 177 -1.45 20.74 -23.07
CA TYR B 177 -1.89 21.33 -21.80
C TYR B 177 -0.82 22.14 -21.10
N GLY B 178 0.29 22.43 -21.79
CA GLY B 178 1.32 23.31 -21.24
C GLY B 178 1.92 22.86 -19.92
N LEU B 179 2.13 21.57 -19.76
CA LEU B 179 2.67 21.02 -18.53
C LEU B 179 4.14 20.67 -18.71
N ASP B 180 4.89 20.78 -17.62
CA ASP B 180 6.31 20.44 -17.63
C ASP B 180 6.48 18.93 -17.51
N ILE B 181 7.38 18.36 -18.30
CA ILE B 181 7.70 16.95 -18.21
C ILE B 181 8.92 16.84 -17.28
N LEU B 182 8.69 16.35 -16.07
CA LEU B 182 9.74 16.24 -15.06
C LEU B 182 10.66 15.05 -15.33
N GLU B 183 10.08 13.90 -15.70
CA GLU B 183 10.83 12.70 -15.97
C GLU B 183 10.24 12.01 -17.19
N GLU B 184 11.10 11.36 -17.98
CA GLU B 184 10.71 10.80 -19.26
C GLU B 184 10.62 9.28 -19.18
N ASN B 185 9.64 8.72 -19.89
CA ASN B 185 9.51 7.28 -20.13
C ASN B 185 9.60 6.46 -18.84
N VAL B 186 8.72 6.77 -17.89
CA VAL B 186 8.84 6.29 -16.52
C VAL B 186 8.15 4.94 -16.32
N GLU B 187 7.67 4.32 -17.41
CA GLU B 187 6.97 3.05 -17.31
C GLU B 187 7.90 1.91 -16.89
N ASP B 188 7.31 0.92 -16.22
CA ASP B 188 8.06 -0.23 -15.72
C ASP B 188 8.67 -1.02 -16.88
N SER B 189 7.82 -1.56 -17.76
CA SER B 189 8.25 -2.43 -18.83
C SER B 189 8.49 -1.64 -20.12
N GLU B 190 9.43 -2.12 -20.91
CA GLU B 190 9.63 -1.58 -22.23
C GLU B 190 8.92 -2.47 -23.25
N ASN B 191 9.01 -2.09 -24.52
CA ASN B 191 8.39 -2.84 -25.61
C ASN B 191 6.87 -2.88 -25.49
N ASN B 192 6.27 -1.75 -25.13
CA ASN B 192 4.82 -1.61 -25.10
C ASN B 192 4.38 -0.91 -26.38
N VAL B 193 3.76 -1.68 -27.28
CA VAL B 193 3.35 -1.17 -28.59
C VAL B 193 1.87 -1.42 -28.81
N THR B 194 1.19 -0.44 -29.40
CA THR B 194 -0.22 -0.52 -29.79
C THR B 194 -0.31 -0.49 -31.32
N ARG B 195 -1.10 -1.40 -31.89
CA ARG B 195 -1.33 -1.43 -33.34
C ARG B 195 -2.71 -0.86 -33.65
N PHE B 196 -2.75 0.17 -34.49
CA PHE B 196 -3.99 0.79 -34.95
C PHE B 196 -4.29 0.36 -36.39
N VAL B 197 -5.57 0.44 -36.76
CA VAL B 197 -6.01 0.37 -38.15
C VAL B 197 -6.77 1.65 -38.51
N VAL B 198 -6.57 2.12 -39.74
CA VAL B 198 -7.24 3.29 -40.26
C VAL B 198 -8.49 2.86 -41.01
N LEU B 199 -9.64 3.40 -40.64
CA LEU B 199 -10.90 3.02 -41.25
C LEU B 199 -11.43 4.13 -42.15
N SER B 200 -12.06 3.72 -43.24
CA SER B 200 -12.59 4.65 -44.23
C SER B 200 -13.82 4.03 -44.89
N LYS B 201 -14.64 4.89 -45.49
CA LYS B 201 -15.75 4.43 -46.32
C LYS B 201 -15.29 4.00 -47.70
N ASN B 202 -14.10 4.44 -48.13
CA ASN B 202 -13.59 4.13 -49.46
C ASN B 202 -13.53 2.63 -49.70
N LYS B 203 -14.02 2.20 -50.86
CA LYS B 203 -14.09 0.79 -51.25
C LYS B 203 -12.91 0.35 -52.10
N GLN B 204 -11.89 1.19 -52.24
CA GLN B 204 -10.77 0.92 -53.15
C GLN B 204 -9.51 0.54 -52.39
N TRP B 205 -8.82 -0.43 -52.96
CA TRP B 205 -7.65 -1.11 -52.42
C TRP B 205 -6.38 -0.37 -52.81
N ALA B 206 -5.35 -0.53 -51.98
CA ALA B 206 -4.03 -0.06 -52.37
C ALA B 206 -3.60 -0.80 -53.63
N ALA B 207 -2.79 -0.13 -54.46
CA ALA B 207 -2.36 -0.74 -55.70
C ALA B 207 -1.43 -1.91 -55.43
N ARG B 208 -1.50 -2.91 -56.33
CA ARG B 208 -0.63 -4.08 -56.25
C ARG B 208 0.83 -3.66 -56.32
N PRO B 209 1.68 -4.13 -55.43
CA PRO B 209 3.09 -3.71 -55.44
C PRO B 209 3.79 -4.15 -56.72
N GLU B 210 4.63 -3.26 -57.25
CA GLU B 210 5.45 -3.60 -58.40
C GLU B 210 6.91 -3.85 -58.04
N ASN B 211 7.37 -3.31 -56.91
CA ASN B 211 8.75 -3.48 -56.46
C ASN B 211 8.77 -3.96 -55.01
N ASP B 212 8.03 -5.04 -54.73
CA ASP B 212 8.10 -5.75 -53.44
C ASP B 212 7.72 -4.88 -52.25
N GLU B 213 6.73 -4.01 -52.43
CA GLU B 213 6.19 -3.25 -51.31
C GLU B 213 5.28 -4.14 -50.45
N ARG B 214 5.15 -3.77 -49.18
CA ARG B 214 4.39 -4.57 -48.22
C ARG B 214 2.90 -4.24 -48.29
N ILE B 215 2.09 -5.29 -48.44
CA ILE B 215 0.64 -5.18 -48.55
C ILE B 215 0.00 -6.17 -47.59
N VAL B 216 -1.06 -5.73 -46.92
CA VAL B 216 -1.81 -6.55 -45.99
C VAL B 216 -3.23 -6.67 -46.51
N THR B 217 -3.78 -7.87 -46.49
CA THR B 217 -5.19 -8.11 -46.81
C THR B 217 -5.85 -8.64 -45.56
N THR B 218 -6.92 -7.97 -45.12
CA THR B 218 -7.67 -8.39 -43.96
C THR B 218 -9.03 -8.87 -44.42
N PHE B 219 -9.44 -10.05 -43.93
CA PHE B 219 -10.69 -10.65 -44.35
C PHE B 219 -11.25 -11.48 -43.20
N VAL B 220 -12.54 -11.76 -43.28
CA VAL B 220 -13.23 -12.64 -42.34
C VAL B 220 -13.82 -13.80 -43.13
N PHE B 221 -14.05 -14.91 -42.44
CA PHE B 221 -14.71 -16.04 -43.08
C PHE B 221 -15.36 -16.93 -42.02
N ARG B 222 -16.33 -17.73 -42.46
CA ARG B 222 -17.01 -18.69 -41.59
C ARG B 222 -16.73 -20.13 -42.01
N VAL B 223 -16.53 -21.01 -41.01
CA VAL B 223 -16.47 -22.44 -41.21
C VAL B 223 -17.39 -23.11 -40.20
N ARG B 224 -17.73 -24.37 -40.49
CA ARG B 224 -18.42 -25.17 -39.50
C ARG B 224 -17.47 -25.52 -38.37
N ASN B 225 -18.03 -25.70 -37.17
CA ASN B 225 -17.24 -26.00 -35.99
C ASN B 225 -17.02 -27.51 -35.88
N VAL B 226 -16.33 -28.06 -36.88
CA VAL B 226 -16.08 -29.50 -36.96
C VAL B 226 -14.59 -29.73 -37.21
N PRO B 227 -14.08 -30.92 -36.86
CA PRO B 227 -12.64 -31.17 -37.01
C PRO B 227 -12.15 -30.94 -38.44
N ALA B 228 -10.96 -30.33 -38.53
CA ALA B 228 -10.20 -30.02 -39.73
C ALA B 228 -10.82 -28.91 -40.58
N ALA B 229 -11.91 -28.26 -40.15
CA ALA B 229 -12.52 -27.24 -41.00
C ALA B 229 -11.61 -26.03 -41.16
N LEU B 230 -10.95 -25.59 -40.08
CA LEU B 230 -9.98 -24.50 -40.21
C LEU B 230 -8.77 -24.94 -41.04
N TYR B 231 -8.29 -26.16 -40.78
CA TYR B 231 -7.20 -26.73 -41.57
C TYR B 231 -7.48 -26.64 -43.06
N LYS B 232 -8.69 -27.02 -43.46
CA LYS B 232 -9.09 -26.92 -44.87
C LYS B 232 -8.98 -25.49 -45.38
N ALA B 233 -9.46 -24.52 -44.59
CA ALA B 233 -9.50 -23.14 -45.03
C ALA B 233 -8.11 -22.54 -45.20
N LEU B 234 -7.15 -22.99 -44.40
CA LEU B 234 -5.78 -22.49 -44.47
C LEU B 234 -4.93 -23.17 -45.53
N GLY B 235 -5.37 -24.33 -46.04
CA GLY B 235 -4.52 -25.12 -46.93
C GLY B 235 -3.96 -24.32 -48.10
N GLY B 236 -4.76 -23.41 -48.65
CA GLY B 236 -4.33 -22.70 -49.84
C GLY B 236 -3.20 -21.72 -49.55
N PHE B 237 -3.22 -21.11 -48.37
CA PHE B 237 -2.13 -20.24 -47.96
C PHE B 237 -0.86 -21.06 -47.71
N ALA B 238 -1.04 -22.26 -47.14
CA ALA B 238 0.10 -23.10 -46.81
C ALA B 238 0.86 -23.52 -48.06
N THR B 239 0.16 -23.96 -49.13
CA THR B 239 0.87 -24.46 -50.30
C THR B 239 1.21 -23.38 -51.32
N ASN B 240 0.82 -22.13 -51.09
CA ASN B 240 1.19 -21.07 -52.01
C ASN B 240 2.18 -20.07 -51.43
N GLY B 241 2.69 -20.34 -50.22
CA GLY B 241 3.69 -19.48 -49.63
C GLY B 241 3.15 -18.13 -49.23
N VAL B 242 1.89 -18.06 -48.82
CA VAL B 242 1.29 -16.83 -48.31
C VAL B 242 1.42 -16.83 -46.79
N ASN B 243 2.07 -15.81 -46.23
CA ASN B 243 2.20 -15.68 -44.78
C ASN B 243 0.95 -15.05 -44.18
N MET B 244 0.39 -15.71 -43.16
CA MET B 244 -0.71 -15.17 -42.37
C MET B 244 -0.18 -14.64 -41.03
N THR B 245 -0.53 -13.40 -40.68
CA THR B 245 0.07 -12.78 -39.51
C THR B 245 -0.90 -12.49 -38.38
N LYS B 246 -2.20 -12.70 -38.56
CA LYS B 246 -3.16 -12.58 -37.48
C LYS B 246 -4.31 -13.56 -37.75
N LEU B 247 -4.80 -14.21 -36.70
CA LEU B 247 -5.92 -15.15 -36.84
C LEU B 247 -6.63 -15.30 -35.49
N GLU B 248 -7.92 -14.95 -35.46
CA GLU B 248 -8.73 -14.97 -34.26
C GLU B 248 -10.05 -15.68 -34.52
N SER B 249 -10.43 -16.59 -33.62
CA SER B 249 -11.70 -17.28 -33.71
C SER B 249 -12.78 -16.57 -32.88
N TYR B 250 -14.01 -16.67 -33.37
CA TYR B 250 -15.18 -16.13 -32.66
C TYR B 250 -16.33 -17.07 -32.96
N GLN B 251 -16.82 -17.77 -31.93
CA GLN B 251 -17.93 -18.68 -32.12
C GLN B 251 -19.22 -17.89 -32.28
N LEU B 252 -19.98 -18.24 -33.32
CA LEU B 252 -21.15 -17.47 -33.70
C LEU B 252 -22.33 -17.80 -32.81
N GLY B 253 -23.13 -16.78 -32.52
CA GLY B 253 -24.32 -16.87 -31.71
C GLY B 253 -24.04 -17.45 -30.33
N GLY B 254 -25.10 -17.91 -29.69
CA GLY B 254 -24.95 -18.65 -28.45
C GLY B 254 -24.55 -20.09 -28.67
N ARG B 255 -24.90 -20.65 -29.84
CA ARG B 255 -24.60 -22.04 -30.11
C ARG B 255 -23.13 -22.17 -30.56
N PHE B 256 -22.70 -23.42 -30.73
CA PHE B 256 -21.34 -23.73 -31.17
C PHE B 256 -21.37 -24.44 -32.51
N ILE B 257 -22.25 -23.99 -33.40
CA ILE B 257 -22.47 -24.64 -34.69
C ILE B 257 -21.48 -24.13 -35.74
N ALA B 258 -21.13 -22.86 -35.70
CA ALA B 258 -20.26 -22.26 -36.71
C ALA B 258 -19.33 -21.26 -36.06
N THR B 259 -18.24 -20.96 -36.76
CA THR B 259 -17.17 -20.13 -36.22
C THR B 259 -16.73 -19.12 -37.28
N GLN B 260 -16.54 -17.87 -36.86
CA GLN B 260 -16.02 -16.85 -37.73
C GLN B 260 -14.57 -16.54 -37.37
N PHE B 261 -13.79 -16.19 -38.37
CA PHE B 261 -12.37 -15.92 -38.21
C PHE B 261 -12.05 -14.55 -38.79
N TYR B 262 -11.15 -13.85 -38.13
CA TYR B 262 -10.58 -12.59 -38.58
C TYR B 262 -9.12 -12.85 -38.90
N ALA B 263 -8.68 -12.47 -40.10
CA ALA B 263 -7.31 -12.84 -40.48
C ALA B 263 -6.65 -11.72 -41.27
N ASP B 264 -5.34 -11.56 -41.07
CA ASP B 264 -4.49 -10.72 -41.89
C ASP B 264 -3.52 -11.62 -42.65
N ILE B 265 -3.36 -11.39 -43.96
CA ILE B 265 -2.28 -12.03 -44.69
C ILE B 265 -1.43 -10.94 -45.33
N GLU B 266 -0.17 -11.30 -45.57
CA GLU B 266 0.76 -10.41 -46.26
C GLU B 266 0.67 -10.75 -47.74
N GLY B 267 -0.03 -9.92 -48.49
CA GLY B 267 -0.25 -10.14 -49.90
C GLY B 267 -1.39 -9.31 -50.43
N HIS B 268 -1.40 -9.16 -51.74
CA HIS B 268 -2.42 -8.45 -52.48
C HIS B 268 -3.28 -9.46 -53.24
N PRO B 269 -4.60 -9.31 -53.22
CA PRO B 269 -5.47 -10.33 -53.86
C PRO B 269 -5.27 -10.49 -55.36
N GLU B 270 -4.67 -9.52 -56.05
CA GLU B 270 -4.43 -9.69 -57.47
C GLU B 270 -3.14 -10.46 -57.77
N GLU B 271 -2.32 -10.73 -56.76
CA GLU B 271 -1.17 -11.62 -56.91
C GLU B 271 -1.66 -13.03 -57.16
N ARG B 272 -0.99 -13.75 -58.05
CA ARG B 272 -1.43 -15.10 -58.40
C ARG B 272 -1.49 -16.00 -57.17
N SER B 273 -0.44 -15.98 -56.34
CA SER B 273 -0.37 -16.86 -55.19
C SER B 273 -1.52 -16.62 -54.22
N VAL B 274 -1.87 -15.36 -53.97
CA VAL B 274 -2.98 -15.05 -53.07
C VAL B 274 -4.30 -15.40 -53.75
N GLN B 275 -4.41 -15.08 -55.04
CA GLN B 275 -5.62 -15.44 -55.76
C GLN B 275 -5.92 -16.92 -55.60
N LEU B 276 -4.89 -17.77 -55.72
CA LEU B 276 -5.09 -19.22 -55.60
C LEU B 276 -5.50 -19.61 -54.19
N ALA B 277 -4.83 -19.06 -53.17
CA ALA B 277 -5.23 -19.34 -51.79
C ALA B 277 -6.67 -18.92 -51.54
N LEU B 278 -7.07 -17.74 -52.01
CA LEU B 278 -8.43 -17.27 -51.74
C LEU B 278 -9.47 -18.15 -52.44
N GLU B 279 -9.19 -18.60 -53.67
CA GLU B 279 -10.13 -19.49 -54.34
C GLU B 279 -10.25 -20.82 -53.59
N GLU B 280 -9.15 -21.32 -53.06
CA GLU B 280 -9.23 -22.51 -52.21
C GLU B 280 -9.97 -22.19 -50.91
N LEU B 281 -9.76 -21.00 -50.36
CA LEU B 281 -10.52 -20.61 -49.16
C LEU B 281 -12.02 -20.52 -49.45
N ARG B 282 -12.40 -20.04 -50.63
CA ARG B 282 -13.82 -19.89 -50.90
C ARG B 282 -14.53 -21.23 -51.06
N PHE B 283 -13.82 -22.27 -51.50
CA PHE B 283 -14.46 -23.58 -51.60
C PHE B 283 -14.75 -24.17 -50.23
N PHE B 284 -13.92 -23.86 -49.23
CA PHE B 284 -14.03 -24.48 -47.92
C PHE B 284 -14.70 -23.59 -46.88
N THR B 285 -15.20 -22.42 -47.28
CA THR B 285 -15.80 -21.54 -46.28
C THR B 285 -17.07 -20.93 -46.85
N LYS B 286 -17.79 -20.25 -45.97
CA LYS B 286 -18.92 -19.41 -46.34
C LYS B 286 -18.60 -17.98 -45.93
N GLU B 287 -19.30 -17.04 -46.56
CA GLU B 287 -19.32 -15.64 -46.13
C GLU B 287 -17.92 -15.05 -46.03
N VAL B 288 -17.14 -15.19 -47.10
CA VAL B 288 -15.82 -14.59 -47.16
C VAL B 288 -15.96 -13.13 -47.55
N ARG B 289 -15.41 -12.23 -46.73
CA ARG B 289 -15.44 -10.80 -47.02
C ARG B 289 -14.05 -10.23 -46.85
N ILE B 290 -13.54 -9.55 -47.87
CA ILE B 290 -12.28 -8.83 -47.72
C ILE B 290 -12.58 -7.49 -47.08
N LEU B 291 -12.00 -7.23 -45.90
CA LEU B 291 -12.27 -5.99 -45.20
C LEU B 291 -11.29 -4.88 -45.52
N GLY B 292 -10.18 -5.18 -46.18
CA GLY B 292 -9.27 -4.14 -46.60
C GLY B 292 -8.01 -4.69 -47.24
N VAL B 293 -7.41 -3.89 -48.12
CA VAL B 293 -6.16 -4.23 -48.78
C VAL B 293 -5.32 -2.97 -48.77
N TYR B 294 -4.30 -2.93 -47.89
CA TYR B 294 -3.66 -1.68 -47.51
C TYR B 294 -2.16 -1.89 -47.31
N LYS B 295 -1.42 -0.79 -47.35
CA LYS B 295 0.03 -0.83 -47.14
C LYS B 295 0.35 -1.31 -45.74
N GLY B 296 1.41 -2.09 -45.62
CA GLY B 296 1.86 -2.63 -44.35
C GLY B 296 3.02 -1.84 -43.78
N SER B 297 3.07 -1.76 -42.45
CA SER B 297 4.11 -1.00 -41.79
C SER B 297 5.46 -1.69 -41.93
N ASP B 298 6.52 -0.88 -41.95
CA ASP B 298 7.89 -1.40 -42.06
C ASP B 298 8.27 -2.30 -40.90
N ILE B 299 7.50 -2.28 -39.81
CA ILE B 299 7.81 -3.10 -38.65
C ILE B 299 7.72 -4.58 -38.99
N ARG B 300 7.03 -4.93 -40.09
CA ARG B 300 6.90 -6.32 -40.52
C ARG B 300 8.20 -6.90 -41.07
N GLY B 301 9.19 -6.06 -41.38
CA GLY B 301 10.45 -6.55 -41.91
C GLY B 301 11.57 -6.54 -40.89
N MET C 22 13.46 -11.81 54.05
CA MET C 22 12.06 -11.67 54.45
C MET C 22 11.28 -10.81 53.46
N LYS C 23 10.13 -11.32 53.02
CA LYS C 23 9.28 -10.61 52.06
C LYS C 23 8.52 -9.48 52.74
N THR C 24 8.63 -8.27 52.19
CA THR C 24 7.96 -7.08 52.71
C THR C 24 6.56 -6.88 52.17
N ASN C 25 6.14 -7.67 51.18
CA ASN C 25 4.82 -7.62 50.55
C ASN C 25 4.53 -6.28 49.89
N ARG C 26 5.56 -5.49 49.60
CA ARG C 26 5.42 -4.20 48.94
C ARG C 26 5.79 -4.33 47.47
N ILE C 27 5.07 -3.63 46.61
CA ILE C 27 5.37 -3.60 45.19
C ILE C 27 5.50 -2.14 44.76
N SER C 28 6.70 -1.76 44.33
CA SER C 28 6.99 -0.38 43.99
C SER C 28 6.47 -0.03 42.60
N PHE C 29 6.09 1.23 42.43
CA PHE C 29 5.76 1.77 41.12
C PHE C 29 6.16 3.25 41.09
N GLN C 30 6.27 3.79 39.88
CA GLN C 30 6.56 5.20 39.69
C GLN C 30 5.25 5.98 39.63
N GLY C 31 5.14 7.01 40.48
CA GLY C 31 4.02 7.92 40.41
C GLY C 31 3.40 8.12 41.77
N GLU C 32 2.24 8.77 41.76
CA GLU C 32 1.48 9.01 42.98
C GLU C 32 0.42 7.93 43.15
N ALA C 33 -0.05 7.78 44.39
CA ALA C 33 -1.16 6.88 44.65
C ALA C 33 -2.35 7.27 43.80
N GLY C 34 -3.02 6.27 43.23
CA GLY C 34 -4.14 6.46 42.34
C GLY C 34 -3.80 6.44 40.85
N ALA C 35 -2.52 6.31 40.48
CA ALA C 35 -2.15 6.29 39.07
C ALA C 35 -2.52 4.96 38.42
N ASN C 36 -2.33 4.89 37.09
CA ASN C 36 -2.57 3.65 36.37
C ASN C 36 -1.59 2.56 36.80
N SER C 37 -0.34 2.92 37.08
CA SER C 37 0.62 1.95 37.59
C SER C 37 0.12 1.33 38.90
N ASP C 38 -0.46 2.18 39.77
CA ASP C 38 -1.08 1.71 41.02
C ASP C 38 -2.23 0.75 40.74
N THR C 39 -3.05 1.06 39.74
CA THR C 39 -4.14 0.16 39.36
C THR C 39 -3.61 -1.20 38.94
N ALA C 40 -2.52 -1.22 38.16
CA ALA C 40 -1.93 -2.48 37.73
C ALA C 40 -1.48 -3.32 38.91
N CYS C 41 -0.83 -2.71 39.91
CA CYS C 41 -0.41 -3.45 41.10
C CYS C 41 -1.60 -4.10 41.79
N ARG C 42 -2.69 -3.33 41.94
CA ARG C 42 -3.86 -3.81 42.67
C ARG C 42 -4.61 -4.86 41.89
N ASN C 43 -4.60 -4.77 40.56
CA ASN C 43 -5.31 -5.73 39.74
C ASN C 43 -4.62 -7.09 39.76
N MET C 44 -3.30 -7.11 39.59
CA MET C 44 -2.56 -8.37 39.45
C MET C 44 -2.13 -8.95 40.79
N PHE C 45 -1.75 -8.09 41.74
CA PHE C 45 -1.30 -8.51 43.06
C PHE C 45 -2.21 -7.87 44.10
N PRO C 46 -3.47 -8.31 44.20
CA PRO C 46 -4.44 -7.63 45.06
C PRO C 46 -4.06 -7.66 46.53
N ASP C 47 -3.31 -8.66 46.96
CA ASP C 47 -2.97 -8.80 48.37
C ASP C 47 -1.67 -8.11 48.73
N MET C 48 -1.10 -7.34 47.81
CA MET C 48 0.11 -6.57 48.05
C MET C 48 -0.19 -5.10 48.28
N GLU C 49 0.78 -4.41 48.88
CA GLU C 49 0.65 -3.01 49.22
C GLU C 49 1.50 -2.15 48.29
N PRO C 50 0.90 -1.43 47.34
CA PRO C 50 1.69 -0.63 46.40
C PRO C 50 2.53 0.44 47.11
N LEU C 51 3.74 0.65 46.59
CA LEU C 51 4.70 1.59 47.17
C LEU C 51 5.03 2.69 46.16
N PRO C 52 4.42 3.87 46.29
CA PRO C 52 4.70 4.94 45.32
C PRO C 52 6.14 5.42 45.42
N CYS C 53 6.72 5.70 44.26
CA CYS C 53 8.10 6.19 44.16
C CYS C 53 8.13 7.30 43.11
N PRO C 54 8.94 8.33 43.32
CA PRO C 54 8.87 9.50 42.42
C PRO C 54 9.39 9.22 41.01
N THR C 55 10.35 8.32 40.84
CA THR C 55 10.91 8.02 39.52
C THR C 55 10.99 6.51 39.31
N PHE C 56 11.14 6.12 38.03
CA PHE C 56 11.33 4.72 37.70
C PHE C 56 12.56 4.16 38.40
N GLU C 57 13.67 4.91 38.35
CA GLU C 57 14.89 4.48 39.01
C GLU C 57 14.65 4.19 40.48
N ASP C 58 13.88 5.05 41.15
CA ASP C 58 13.54 4.81 42.55
C ASP C 58 12.70 3.55 42.71
N ALA C 59 11.81 3.28 41.76
CA ALA C 59 11.02 2.05 41.80
C ALA C 59 11.92 0.83 41.62
N PHE C 60 12.94 0.94 40.77
CA PHE C 60 13.91 -0.15 40.65
C PHE C 60 14.69 -0.30 41.94
N ASN C 61 15.18 0.83 42.48
CA ASN C 61 16.03 0.80 43.66
C ASN C 61 15.33 0.19 44.86
N ALA C 62 14.01 0.40 44.99
CA ALA C 62 13.26 -0.21 46.08
C ALA C 62 13.36 -1.74 46.07
N VAL C 63 13.42 -2.35 44.88
CA VAL C 63 13.55 -3.80 44.78
C VAL C 63 14.98 -4.23 45.06
N GLU C 64 15.96 -3.44 44.62
CA GLU C 64 17.35 -3.76 44.85
C GLU C 64 17.68 -3.76 46.36
N THR C 65 17.11 -2.81 47.10
CA THR C 65 17.40 -2.67 48.53
C THR C 65 16.56 -3.58 49.43
N GLY C 66 15.55 -4.25 48.89
CA GLY C 66 14.70 -5.08 49.72
C GLY C 66 13.51 -4.40 50.32
N ALA C 67 13.29 -3.11 50.01
CA ALA C 67 12.07 -2.43 50.44
C ALA C 67 10.82 -2.98 49.76
N ALA C 68 10.94 -3.43 48.51
CA ALA C 68 9.81 -3.97 47.78
C ALA C 68 10.19 -5.34 47.22
N ASP C 69 9.22 -6.26 47.23
CA ASP C 69 9.43 -7.58 46.66
C ASP C 69 9.41 -7.57 45.14
N LEU C 70 8.59 -6.68 44.56
CA LEU C 70 8.39 -6.61 43.12
C LEU C 70 8.25 -5.15 42.71
N ALA C 71 8.40 -4.89 41.41
CA ALA C 71 8.13 -3.57 40.87
C ALA C 71 7.29 -3.70 39.62
N MET C 72 6.33 -2.81 39.46
CA MET C 72 5.40 -2.78 38.33
C MET C 72 5.81 -1.60 37.45
N ILE C 73 6.38 -1.89 36.29
CA ILE C 73 7.03 -0.91 35.45
C ILE C 73 6.33 -0.89 34.10
N PRO C 74 5.79 0.24 33.64
CA PRO C 74 5.23 0.28 32.28
C PRO C 74 6.33 0.43 31.24
N ILE C 75 6.21 -0.33 30.15
CA ILE C 75 7.21 -0.27 29.08
C ILE C 75 6.61 -0.01 27.70
N GLU C 76 5.33 -0.27 27.47
CA GLU C 76 4.71 0.02 26.18
C GLU C 76 3.35 0.65 26.39
N ASN C 77 3.06 1.71 25.63
CA ASN C 77 1.73 2.32 25.63
C ASN C 77 1.32 2.65 24.19
N THR C 78 0.09 2.29 23.85
CA THR C 78 -0.37 2.39 22.46
C THR C 78 -0.39 3.84 21.96
N LEU C 79 -0.55 4.82 22.85
CA LEU C 79 -0.67 6.18 22.34
C LEU C 79 0.45 7.10 22.85
N ALA C 80 1.69 6.63 22.79
CA ALA C 80 2.88 7.46 23.03
C ALA C 80 2.93 8.05 24.44
N GLY C 81 2.44 7.29 25.42
CA GLY C 81 2.51 7.69 26.81
C GLY C 81 3.89 7.52 27.41
N ARG C 82 4.01 7.90 28.68
CA ARG C 82 5.28 7.77 29.38
C ARG C 82 5.52 6.31 29.71
N VAL C 83 6.67 5.78 29.28
CA VAL C 83 7.04 4.40 29.58
C VAL C 83 8.51 4.41 29.98
N ALA C 84 8.88 3.44 30.81
CA ALA C 84 10.27 3.39 31.25
C ALA C 84 11.15 2.81 30.16
N ASP C 85 12.38 3.31 30.08
CA ASP C 85 13.39 2.80 29.15
C ASP C 85 13.94 1.50 29.73
N ILE C 86 13.17 0.42 29.53
CA ILE C 86 13.53 -0.88 30.10
C ILE C 86 14.84 -1.38 29.52
N HIS C 87 15.14 -1.02 28.27
CA HIS C 87 16.36 -1.46 27.63
C HIS C 87 17.58 -0.93 28.36
N TYR C 88 17.48 0.25 28.95
CA TYR C 88 18.59 0.82 29.69
C TYR C 88 18.61 0.34 31.14
N LEU C 89 17.45 0.34 31.80
CA LEU C 89 17.42 0.15 33.25
C LEU C 89 17.54 -1.32 33.64
N LEU C 90 16.86 -2.21 32.92
CA LEU C 90 16.87 -3.60 33.37
C LEU C 90 18.24 -4.27 33.28
N PRO C 91 19.02 -4.11 32.20
CA PRO C 91 20.37 -4.72 32.18
C PRO C 91 21.30 -4.20 33.27
N LEU C 92 21.10 -2.99 33.76
CA LEU C 92 21.97 -2.49 34.82
C LEU C 92 21.57 -3.01 36.20
N ALA C 93 20.33 -3.46 36.35
CA ALA C 93 19.86 -4.04 37.58
C ALA C 93 20.32 -5.49 37.73
N ASP C 94 20.19 -5.99 38.96
CA ASP C 94 20.35 -7.42 39.25
C ASP C 94 18.98 -8.05 39.37
N MET C 95 18.16 -7.86 38.33
CA MET C 95 16.74 -8.15 38.40
C MET C 95 16.25 -8.89 37.17
N HIS C 96 15.07 -9.50 37.30
CA HIS C 96 14.48 -10.33 36.27
C HIS C 96 13.00 -9.98 36.08
N ILE C 97 12.50 -10.23 34.87
CA ILE C 97 11.07 -10.09 34.58
C ILE C 97 10.39 -11.41 34.94
N VAL C 98 9.39 -11.34 35.82
CA VAL C 98 8.69 -12.52 36.31
C VAL C 98 7.21 -12.47 35.95
N GLY C 99 6.81 -11.57 35.07
CA GLY C 99 5.43 -11.48 34.63
C GLY C 99 5.23 -10.25 33.79
N GLU C 100 4.08 -10.21 33.11
CA GLU C 100 3.69 -9.04 32.34
C GLU C 100 2.21 -8.74 32.58
N TYR C 101 1.79 -7.51 32.25
CA TYR C 101 0.41 -7.12 32.50
C TYR C 101 -0.04 -6.05 31.50
N PHE C 102 -1.26 -6.21 31.00
CA PHE C 102 -1.86 -5.26 30.05
C PHE C 102 -3.09 -4.63 30.68
N LEU C 103 -3.07 -3.30 30.81
CA LEU C 103 -4.18 -2.57 31.45
C LEU C 103 -4.83 -1.65 30.42
N PRO C 104 -6.11 -1.83 30.09
CA PRO C 104 -6.81 -0.83 29.27
C PRO C 104 -6.93 0.50 30.01
N ILE C 105 -6.51 1.58 29.34
CA ILE C 105 -6.45 2.91 29.94
C ILE C 105 -7.76 3.66 29.69
N HIS C 106 -8.36 4.16 30.78
CA HIS C 106 -9.58 4.95 30.71
C HIS C 106 -9.42 6.19 31.59
N PHE C 107 -10.01 7.31 31.16
CA PHE C 107 -9.94 8.55 31.90
C PHE C 107 -11.32 8.93 32.42
N GLN C 108 -11.37 9.41 33.67
CA GLN C 108 -12.61 9.80 34.31
C GLN C 108 -12.56 11.29 34.63
N LEU C 109 -13.64 12.00 34.32
CA LEU C 109 -13.77 13.41 34.63
C LEU C 109 -14.32 13.57 36.04
N MET C 110 -13.50 14.12 36.95
CA MET C 110 -13.86 14.19 38.36
C MET C 110 -13.84 15.62 38.90
N VAL C 111 -14.72 15.88 39.89
CA VAL C 111 -14.89 17.19 40.49
C VAL C 111 -15.08 17.01 42.00
N LEU C 112 -15.08 18.13 42.72
CA LEU C 112 -15.34 18.10 44.15
C LEU C 112 -16.79 17.63 44.41
N PRO C 113 -17.05 17.05 45.58
CA PRO C 113 -18.39 16.50 45.83
C PRO C 113 -19.46 17.58 45.66
N GLY C 114 -20.52 17.22 44.95
CA GLY C 114 -21.62 18.14 44.72
C GLY C 114 -21.37 19.20 43.66
N VAL C 115 -20.20 19.24 43.05
CA VAL C 115 -19.95 20.22 42.00
C VAL C 115 -20.68 19.80 40.73
N ARG C 116 -21.37 20.74 40.09
CA ARG C 116 -22.18 20.56 38.91
C ARG C 116 -21.39 20.88 37.64
N ARG C 117 -21.83 20.29 36.52
CA ARG C 117 -21.12 20.44 35.26
C ARG C 117 -20.92 21.91 34.87
N GLU C 118 -21.93 22.74 35.09
CA GLU C 118 -21.91 24.15 34.71
C GLU C 118 -20.85 24.96 35.44
N GLU C 119 -20.42 24.52 36.62
CA GLU C 119 -19.43 25.27 37.40
C GLU C 119 -18.01 25.12 36.86
N ILE C 120 -17.72 24.04 36.12
CA ILE C 120 -16.36 23.78 35.71
C ILE C 120 -15.93 24.81 34.67
N LYS C 121 -14.75 25.39 34.86
CA LYS C 121 -14.12 26.24 33.87
C LYS C 121 -12.80 25.67 33.37
N THR C 122 -12.01 25.05 34.24
CA THR C 122 -10.71 24.52 33.86
C THR C 122 -10.60 23.04 34.22
N VAL C 123 -9.89 22.29 33.39
CA VAL C 123 -9.66 20.87 33.60
C VAL C 123 -8.16 20.66 33.74
N HIS C 124 -7.77 20.02 34.83
CA HIS C 124 -6.37 19.86 35.18
C HIS C 124 -5.98 18.39 35.02
N SER C 125 -4.86 18.17 34.38
CA SER C 125 -4.36 16.83 34.13
C SER C 125 -2.94 17.01 33.61
N HIS C 126 -2.25 15.90 33.35
CA HIS C 126 -0.93 16.02 32.76
C HIS C 126 -1.09 16.56 31.34
N ILE C 127 -0.14 17.40 30.93
CA ILE C 127 -0.25 18.08 29.63
C ILE C 127 -0.46 17.08 28.52
N HIS C 128 0.08 15.86 28.68
CA HIS C 128 -0.12 14.80 27.71
C HIS C 128 -1.54 14.24 27.75
N ALA C 129 -2.11 14.13 28.96
CA ALA C 129 -3.46 13.60 29.10
C ALA C 129 -4.51 14.50 28.45
N LEU C 130 -4.35 15.82 28.57
CA LEU C 130 -5.27 16.76 27.95
C LEU C 130 -5.45 16.48 26.45
N GLY C 131 -4.36 16.20 25.74
CA GLY C 131 -4.44 15.94 24.32
C GLY C 131 -5.17 14.66 23.95
N GLN C 132 -5.32 13.72 24.89
CA GLN C 132 -6.03 12.48 24.65
C GLN C 132 -7.49 12.56 25.07
N CYS C 133 -7.92 13.69 25.63
CA CYS C 133 -9.29 13.93 26.06
C CYS C 133 -9.79 15.27 25.53
N ARG C 134 -9.39 15.60 24.30
CA ARG C 134 -9.71 16.91 23.72
C ARG C 134 -11.19 17.07 23.44
N ASN C 135 -11.88 15.96 23.14
CA ASN C 135 -13.26 16.05 22.69
C ASN C 135 -14.16 16.64 23.77
N VAL C 136 -14.07 16.12 25.00
CA VAL C 136 -14.93 16.61 26.08
C VAL C 136 -14.50 17.99 26.59
N ILE C 137 -13.23 18.37 26.42
CA ILE C 137 -12.82 19.70 26.84
C ILE C 137 -13.37 20.77 25.90
N ARG C 138 -13.39 20.49 24.60
CA ARG C 138 -13.87 21.49 23.65
C ARG C 138 -15.39 21.52 23.59
N GLN C 139 -16.04 20.36 23.69
CA GLN C 139 -17.50 20.31 23.67
C GLN C 139 -18.13 21.06 24.84
N ASN C 140 -17.42 21.16 25.96
CA ASN C 140 -17.91 21.85 27.15
C ASN C 140 -17.30 23.24 27.31
N GLY C 141 -16.40 23.66 26.43
CA GLY C 141 -15.83 24.98 26.48
C GLY C 141 -14.90 25.24 27.64
N TRP C 142 -14.12 24.25 28.05
CA TRP C 142 -13.20 24.39 29.18
C TRP C 142 -11.80 24.71 28.68
N LYS C 143 -10.95 25.15 29.63
CA LYS C 143 -9.55 25.46 29.36
C LYS C 143 -8.69 24.40 30.02
N GLY C 144 -7.99 23.61 29.23
CA GLY C 144 -7.08 22.62 29.78
C GLY C 144 -5.89 23.27 30.45
N VAL C 145 -5.54 22.80 31.65
CA VAL C 145 -4.47 23.38 32.46
C VAL C 145 -3.45 22.29 32.78
N ILE C 146 -2.17 22.60 32.53
CA ILE C 146 -1.09 21.65 32.77
C ILE C 146 -1.00 21.32 34.25
N ALA C 147 -0.70 20.05 34.55
CA ALA C 147 -0.43 19.60 35.89
C ALA C 147 0.74 18.62 35.85
N GLY C 148 1.56 18.63 36.91
CA GLY C 148 2.76 17.81 36.91
C GLY C 148 2.48 16.33 36.78
N ASP C 149 1.41 15.86 37.40
CA ASP C 149 1.11 14.43 37.43
C ASP C 149 -0.40 14.27 37.40
N THR C 150 -0.86 13.22 36.72
CA THR C 150 -2.30 12.99 36.55
C THR C 150 -2.98 12.68 37.88
N ALA C 151 -2.49 11.67 38.61
CA ALA C 151 -3.05 11.41 39.94
C ALA C 151 -2.87 12.61 40.84
N GLY C 152 -1.78 13.37 40.65
CA GLY C 152 -1.60 14.61 41.37
C GLY C 152 -2.67 15.63 41.03
N ALA C 153 -3.17 15.60 39.79
CA ALA C 153 -4.25 16.52 39.42
C ALA C 153 -5.49 16.28 40.26
N ALA C 154 -5.82 15.00 40.52
CA ALA C 154 -6.91 14.70 41.44
C ALA C 154 -6.58 15.17 42.85
N ARG C 155 -5.35 14.91 43.31
CA ARG C 155 -4.89 15.42 44.59
C ARG C 155 -4.97 16.94 44.63
N LEU C 156 -4.59 17.61 43.54
CA LEU C 156 -4.60 19.06 43.50
C LEU C 156 -6.03 19.60 43.65
N VAL C 157 -7.00 18.98 42.95
CA VAL C 157 -8.38 19.43 43.02
C VAL C 157 -8.92 19.26 44.43
N ALA C 158 -8.57 18.15 45.09
CA ALA C 158 -9.05 17.92 46.44
C ALA C 158 -8.41 18.87 47.44
N ASP C 159 -7.19 19.33 47.16
CA ASP C 159 -6.49 20.21 48.07
C ASP C 159 -6.87 21.68 47.87
N VAL C 160 -6.98 22.13 46.61
CA VAL C 160 -7.25 23.54 46.38
C VAL C 160 -8.69 23.89 46.74
N LYS C 161 -9.62 22.92 46.62
CA LYS C 161 -11.03 23.11 46.98
C LYS C 161 -11.66 24.25 46.19
N ASP C 162 -11.22 24.43 44.95
CA ASP C 162 -11.81 25.36 44.01
C ASP C 162 -12.83 24.60 43.16
N ARG C 163 -14.11 24.96 43.28
CA ARG C 163 -15.18 24.23 42.61
C ARG C 163 -15.09 24.32 41.08
N SER C 164 -14.43 25.34 40.55
CA SER C 164 -14.29 25.48 39.10
C SER C 164 -13.26 24.53 38.49
N MET C 165 -12.43 23.88 39.31
CA MET C 165 -11.33 23.05 38.84
C MET C 165 -11.76 21.58 38.78
N ALA C 166 -11.63 20.97 37.61
CA ALA C 166 -11.88 19.55 37.43
C ALA C 166 -10.58 18.84 37.08
N ALA C 167 -10.58 17.52 37.26
CA ALA C 167 -9.41 16.70 36.95
C ALA C 167 -9.81 15.52 36.09
N LEU C 168 -8.84 15.05 35.29
CA LEU C 168 -8.93 13.81 34.53
C LEU C 168 -7.90 12.85 35.10
N ALA C 169 -8.35 11.73 35.63
CA ALA C 169 -7.50 10.79 36.34
C ALA C 169 -8.09 9.39 36.22
N PRO C 170 -7.32 8.35 36.53
CA PRO C 170 -7.88 7.00 36.55
C PRO C 170 -8.97 6.86 37.62
N ARG C 171 -9.83 5.87 37.41
CA ARG C 171 -10.97 5.66 38.31
C ARG C 171 -10.53 5.53 39.75
N LEU C 172 -9.38 4.89 39.99
CA LEU C 172 -8.90 4.67 41.35
C LEU C 172 -8.69 6.00 42.10
N ALA C 173 -8.17 7.01 41.42
CA ALA C 173 -7.89 8.29 42.06
C ALA C 173 -9.17 8.97 42.55
N ALA C 174 -10.31 8.68 41.92
CA ALA C 174 -11.56 9.28 42.37
C ALA C 174 -11.93 8.79 43.77
N ASP C 175 -11.84 7.48 44.00
CA ASP C 175 -12.18 6.93 45.30
C ASP C 175 -11.18 7.37 46.37
N LEU C 176 -9.89 7.43 46.03
CA LEU C 176 -8.87 7.72 47.02
C LEU C 176 -8.95 9.16 47.52
N TYR C 177 -9.19 10.11 46.62
CA TYR C 177 -9.19 11.52 46.97
C TYR C 177 -10.60 12.07 47.19
N GLY C 178 -11.59 11.19 47.27
CA GLY C 178 -12.95 11.59 47.57
C GLY C 178 -13.56 12.56 46.60
N LEU C 179 -13.31 12.39 45.30
CA LEU C 179 -13.87 13.25 44.27
C LEU C 179 -14.99 12.52 43.54
N ASP C 180 -15.97 13.30 43.08
CA ASP C 180 -17.10 12.77 42.32
C ASP C 180 -16.74 12.66 40.84
N ILE C 181 -17.13 11.55 40.22
CA ILE C 181 -16.92 11.34 38.78
C ILE C 181 -18.14 11.84 38.03
N LEU C 182 -17.97 12.96 37.32
CA LEU C 182 -19.06 13.55 36.56
C LEU C 182 -19.35 12.77 35.27
N GLU C 183 -18.30 12.34 34.56
CA GLU C 183 -18.48 11.60 33.32
C GLU C 183 -17.46 10.48 33.22
N GLU C 184 -17.87 9.37 32.61
CA GLU C 184 -17.06 8.16 32.55
C GLU C 184 -16.47 7.96 31.17
N ASN C 185 -15.24 7.44 31.13
CA ASN C 185 -14.56 7.00 29.91
C ASN C 185 -14.56 8.08 28.83
N VAL C 186 -14.06 9.25 29.21
CA VAL C 186 -14.18 10.45 28.37
C VAL C 186 -13.00 10.56 27.41
N GLU C 187 -12.14 9.55 27.37
CA GLU C 187 -10.99 9.63 26.50
C GLU C 187 -11.45 9.62 25.04
N ASP C 188 -10.68 10.33 24.20
CA ASP C 188 -11.03 10.43 22.78
C ASP C 188 -11.04 9.07 22.12
N SER C 189 -9.88 8.41 22.09
CA SER C 189 -9.72 7.14 21.41
C SER C 189 -9.96 5.99 22.37
N GLU C 190 -10.46 4.90 21.83
CA GLU C 190 -10.61 3.66 22.59
C GLU C 190 -9.43 2.75 22.25
N ASN C 191 -9.40 1.59 22.89
CA ASN C 191 -8.34 0.59 22.65
C ASN C 191 -6.96 1.16 22.99
N ASN C 192 -6.87 1.88 24.12
CA ASN C 192 -5.62 2.41 24.63
C ASN C 192 -5.13 1.49 25.75
N VAL C 193 -4.05 0.74 25.48
CA VAL C 193 -3.54 -0.28 26.39
C VAL C 193 -2.09 0.01 26.75
N THR C 194 -1.74 -0.18 28.02
CA THR C 194 -0.36 -0.08 28.50
C THR C 194 0.12 -1.46 28.94
N ARG C 195 1.34 -1.82 28.51
CA ARG C 195 1.96 -3.09 28.85
C ARG C 195 2.97 -2.87 29.97
N PHE C 196 2.81 -3.59 31.07
CA PHE C 196 3.76 -3.59 32.18
C PHE C 196 4.57 -4.87 32.19
N VAL C 197 5.75 -4.80 32.81
CA VAL C 197 6.54 -5.96 33.19
C VAL C 197 6.74 -5.95 34.70
N VAL C 198 6.65 -7.11 35.33
CA VAL C 198 6.84 -7.26 36.77
C VAL C 198 8.28 -7.67 37.02
N LEU C 199 8.98 -6.92 37.86
CA LEU C 199 10.39 -7.14 38.12
C LEU C 199 10.60 -7.74 39.51
N SER C 200 11.65 -8.54 39.63
CA SER C 200 12.01 -9.17 40.90
C SER C 200 13.53 -9.27 40.95
N LYS C 201 14.06 -9.36 42.17
CA LYS C 201 15.50 -9.51 42.34
C LYS C 201 15.97 -10.95 42.12
N ASN C 202 15.12 -11.92 42.47
CA ASN C 202 15.43 -13.32 42.35
C ASN C 202 15.03 -13.87 40.99
N LYS C 203 15.86 -14.75 40.45
CA LYS C 203 15.66 -15.27 39.09
C LYS C 203 14.66 -16.41 39.15
N GLN C 204 13.40 -16.12 38.85
CA GLN C 204 12.35 -17.12 38.82
C GLN C 204 11.99 -17.34 37.36
N TRP C 205 12.12 -18.58 36.89
CA TRP C 205 11.70 -18.93 35.54
C TRP C 205 10.36 -19.65 35.60
N ALA C 206 9.51 -19.37 34.62
CA ALA C 206 8.31 -20.17 34.44
C ALA C 206 8.70 -21.58 33.98
N ALA C 207 7.87 -22.55 34.36
CA ALA C 207 8.14 -23.94 34.00
C ALA C 207 7.94 -24.13 32.50
N ARG C 208 8.71 -25.07 31.94
CA ARG C 208 8.59 -25.37 30.52
C ARG C 208 7.16 -25.78 30.18
N PRO C 209 6.56 -25.21 29.14
CA PRO C 209 5.17 -25.56 28.81
C PRO C 209 5.06 -27.01 28.37
N GLU C 210 4.05 -27.70 28.91
CA GLU C 210 3.75 -29.08 28.53
C GLU C 210 2.47 -29.20 27.72
N ASN C 211 1.54 -28.26 27.87
CA ASN C 211 0.27 -28.27 27.14
C ASN C 211 0.02 -26.93 26.45
N ASP C 212 1.01 -26.47 25.68
CA ASP C 212 0.88 -25.30 24.80
C ASP C 212 0.53 -24.03 25.57
N GLU C 213 1.09 -23.88 26.76
CA GLU C 213 0.94 -22.64 27.50
C GLU C 213 1.87 -21.57 26.95
N ARG C 214 1.48 -20.30 27.12
CA ARG C 214 2.24 -19.18 26.57
C ARG C 214 3.36 -18.78 27.52
N ILE C 215 4.59 -18.74 26.99
CA ILE C 215 5.76 -18.36 27.75
C ILE C 215 6.53 -17.32 26.94
N VAL C 216 7.05 -16.31 27.61
CA VAL C 216 7.84 -15.25 26.99
C VAL C 216 9.24 -15.32 27.57
N THR C 217 10.24 -15.20 26.70
CA THR C 217 11.64 -15.07 27.09
C THR C 217 12.13 -13.70 26.63
N THR C 218 12.70 -12.94 27.56
CA THR C 218 13.24 -11.62 27.26
C THR C 218 14.75 -11.67 27.43
N PHE C 219 15.50 -11.16 26.45
CA PHE C 219 16.95 -11.22 26.48
C PHE C 219 17.54 -10.03 25.71
N VAL C 220 18.83 -9.79 25.95
CA VAL C 220 19.62 -8.79 25.24
C VAL C 220 20.77 -9.48 24.50
N PHE C 221 21.30 -8.80 23.49
CA PHE C 221 22.50 -9.29 22.81
C PHE C 221 23.18 -8.14 22.09
N ARG C 222 24.47 -8.33 21.82
CA ARG C 222 25.30 -7.36 21.12
C ARG C 222 25.73 -7.92 19.76
N VAL C 223 25.73 -7.06 18.73
CA VAL C 223 26.32 -7.38 17.43
C VAL C 223 27.17 -6.20 17.00
N ARG C 224 28.07 -6.45 16.05
CA ARG C 224 28.76 -5.34 15.39
C ARG C 224 27.81 -4.60 14.47
N ASN C 225 28.07 -3.30 14.29
CA ASN C 225 27.22 -2.44 13.48
C ASN C 225 27.63 -2.52 12.01
N VAL C 226 27.44 -3.71 11.45
CA VAL C 226 27.81 -3.99 10.07
C VAL C 226 26.62 -4.62 9.37
N PRO C 227 26.55 -4.50 8.04
CA PRO C 227 25.38 -5.05 7.33
C PRO C 227 25.22 -6.55 7.59
N ALA C 228 23.97 -6.96 7.73
CA ALA C 228 23.51 -8.34 7.94
C ALA C 228 23.79 -8.86 9.31
N ALA C 229 24.41 -8.09 10.21
CA ALA C 229 24.76 -8.65 11.51
C ALA C 229 23.52 -9.02 12.30
N LEU C 230 22.49 -8.18 12.26
CA LEU C 230 21.24 -8.53 12.92
C LEU C 230 20.59 -9.72 12.24
N TYR C 231 20.62 -9.74 10.90
CA TYR C 231 20.07 -10.84 10.12
C TYR C 231 20.64 -12.17 10.57
N LYS C 232 21.97 -12.23 10.73
CA LYS C 232 22.61 -13.44 11.24
C LYS C 232 22.01 -13.84 12.58
N ALA C 233 21.78 -12.87 13.47
CA ALA C 233 21.29 -13.16 14.81
C ALA C 233 19.86 -13.71 14.80
N LEU C 234 19.05 -13.27 13.84
CA LEU C 234 17.67 -13.71 13.78
C LEU C 234 17.51 -15.03 13.02
N GLY C 235 18.53 -15.48 12.31
CA GLY C 235 18.37 -16.64 11.44
C GLY C 235 17.81 -17.86 12.15
N GLY C 236 18.22 -18.08 13.39
CA GLY C 236 17.82 -19.30 14.07
C GLY C 236 16.35 -19.31 14.45
N PHE C 237 15.81 -18.15 14.85
CA PHE C 237 14.38 -18.09 15.17
C PHE C 237 13.54 -18.27 13.91
N ALA C 238 14.00 -17.70 12.80
CA ALA C 238 13.26 -17.79 11.55
C ALA C 238 13.12 -19.23 11.07
N THR C 239 14.19 -20.00 11.13
CA THR C 239 14.10 -21.38 10.62
C THR C 239 13.63 -22.37 11.67
N ASN C 240 13.41 -21.93 12.91
CA ASN C 240 12.91 -22.84 13.94
C ASN C 240 11.48 -22.51 14.36
N GLY C 241 10.84 -21.57 13.68
CA GLY C 241 9.45 -21.27 13.97
C GLY C 241 9.26 -20.61 15.32
N VAL C 242 10.23 -19.83 15.76
CA VAL C 242 10.13 -19.07 17.00
C VAL C 242 9.64 -17.67 16.64
N ASN C 243 8.50 -17.29 17.21
CA ASN C 243 7.94 -15.95 17.00
C ASN C 243 8.58 -14.94 17.94
N MET C 244 9.11 -13.86 17.37
CA MET C 244 9.67 -12.74 18.12
C MET C 244 8.64 -11.63 18.17
N THR C 245 8.35 -11.12 19.38
CA THR C 245 7.29 -10.13 19.54
C THR C 245 7.78 -8.76 20.00
N LYS C 246 9.05 -8.60 20.31
CA LYS C 246 9.59 -7.28 20.59
C LYS C 246 11.05 -7.28 20.15
N LEU C 247 11.49 -6.16 19.57
CA LEU C 247 12.89 -6.00 19.17
C LEU C 247 13.20 -4.51 19.03
N GLU C 248 14.14 -4.01 19.84
CA GLU C 248 14.50 -2.61 19.90
C GLU C 248 16.01 -2.47 19.78
N SER C 249 16.47 -1.57 18.92
CA SER C 249 17.90 -1.34 18.75
C SER C 249 18.42 -0.22 19.66
N TYR C 250 19.68 -0.36 20.07
CA TYR C 250 20.36 0.62 20.92
C TYR C 250 21.85 0.60 20.57
N GLN C 251 22.35 1.71 20.01
CA GLN C 251 23.77 1.84 19.68
C GLN C 251 24.60 2.13 20.93
N LEU C 252 25.69 1.39 21.11
CA LEU C 252 26.47 1.42 22.35
C LEU C 252 27.39 2.63 22.42
N GLY C 253 27.47 3.21 23.62
CA GLY C 253 28.23 4.42 23.86
C GLY C 253 27.73 5.53 22.96
N GLY C 254 28.59 6.54 22.77
CA GLY C 254 28.29 7.57 21.79
C GLY C 254 28.57 7.17 20.37
N ARG C 255 29.45 6.19 20.16
CA ARG C 255 29.88 5.79 18.83
C ARG C 255 28.83 4.89 18.18
N PHE C 256 29.09 4.53 16.92
CA PHE C 256 28.25 3.67 16.11
C PHE C 256 28.98 2.38 15.73
N ILE C 257 29.75 1.84 16.67
CA ILE C 257 30.60 0.67 16.42
C ILE C 257 29.86 -0.64 16.68
N ALA C 258 29.00 -0.68 17.70
CA ALA C 258 28.33 -1.91 18.11
C ALA C 258 26.93 -1.56 18.60
N THR C 259 26.06 -2.55 18.59
CA THR C 259 24.64 -2.35 18.85
C THR C 259 24.12 -3.42 19.79
N GLN C 260 23.30 -3.01 20.74
CA GLN C 260 22.65 -3.95 21.63
C GLN C 260 21.18 -4.01 21.28
N PHE C 261 20.59 -5.18 21.46
CA PHE C 261 19.19 -5.40 21.13
C PHE C 261 18.47 -5.97 22.34
N TYR C 262 17.23 -5.54 22.52
CA TYR C 262 16.31 -6.04 23.53
C TYR C 262 15.21 -6.79 22.79
N ALA C 263 14.90 -8.01 23.23
CA ALA C 263 13.99 -8.85 22.47
C ALA C 263 13.12 -9.70 23.38
N ASP C 264 11.87 -9.91 22.95
CA ASP C 264 10.96 -10.88 23.54
C ASP C 264 10.67 -11.94 22.48
N ILE C 265 10.67 -13.21 22.86
CA ILE C 265 10.22 -14.28 21.99
C ILE C 265 9.14 -15.09 22.70
N GLU C 266 8.29 -15.74 21.91
CA GLU C 266 7.28 -16.65 22.43
C GLU C 266 7.88 -18.05 22.43
N GLY C 267 8.34 -18.48 23.59
CA GLY C 267 9.00 -19.76 23.73
C GLY C 267 9.77 -19.82 25.02
N HIS C 268 10.09 -21.06 25.44
CA HIS C 268 10.85 -21.36 26.63
C HIS C 268 12.23 -21.88 26.25
N PRO C 269 13.28 -21.45 26.96
CA PRO C 269 14.66 -21.83 26.58
C PRO C 269 14.94 -23.33 26.64
N GLU C 270 14.14 -24.11 27.36
CA GLU C 270 14.33 -25.55 27.36
C GLU C 270 13.65 -26.24 26.19
N GLU C 271 12.78 -25.55 25.46
CA GLU C 271 12.21 -26.11 24.24
C GLU C 271 13.29 -26.26 23.17
N ARG C 272 13.26 -27.41 22.46
CA ARG C 272 14.30 -27.72 21.49
C ARG C 272 14.46 -26.62 20.45
N SER C 273 13.33 -26.12 19.92
CA SER C 273 13.38 -25.08 18.91
C SER C 273 14.05 -23.81 19.43
N VAL C 274 13.74 -23.42 20.66
CA VAL C 274 14.38 -22.26 21.24
C VAL C 274 15.84 -22.54 21.55
N GLN C 275 16.11 -23.73 22.09
CA GLN C 275 17.49 -24.14 22.30
C GLN C 275 18.32 -24.02 21.02
N LEU C 276 17.74 -24.44 19.89
CA LEU C 276 18.46 -24.35 18.62
C LEU C 276 18.61 -22.91 18.14
N ALA C 277 17.56 -22.10 18.24
CA ALA C 277 17.69 -20.70 17.87
C ALA C 277 18.73 -19.99 18.73
N LEU C 278 18.69 -20.22 20.05
CA LEU C 278 19.62 -19.53 20.95
C LEU C 278 21.06 -19.96 20.70
N GLU C 279 21.28 -21.23 20.37
CA GLU C 279 22.64 -21.66 20.06
C GLU C 279 23.17 -21.00 18.80
N GLU C 280 22.31 -20.84 17.79
CA GLU C 280 22.70 -20.12 16.60
C GLU C 280 22.91 -18.63 16.91
N LEU C 281 22.06 -18.05 17.76
CA LEU C 281 22.23 -16.66 18.18
C LEU C 281 23.57 -16.44 18.90
N ARG C 282 23.98 -17.39 19.73
CA ARG C 282 25.22 -17.22 20.50
C ARG C 282 26.46 -17.28 19.63
N PHE C 283 26.41 -17.94 18.48
CA PHE C 283 27.57 -17.92 17.60
C PHE C 283 27.74 -16.56 16.93
N PHE C 284 26.63 -15.85 16.69
CA PHE C 284 26.68 -14.61 15.93
C PHE C 284 26.65 -13.36 16.79
N THR C 285 26.64 -13.50 18.12
CA THR C 285 26.54 -12.32 18.97
C THR C 285 27.47 -12.47 20.16
N LYS C 286 27.58 -11.39 20.93
CA LYS C 286 28.27 -11.38 22.22
C LYS C 286 27.28 -11.04 23.32
N GLU C 287 27.65 -11.43 24.54
CA GLU C 287 26.99 -10.98 25.76
C GLU C 287 25.47 -11.19 25.72
N VAL C 288 25.07 -12.43 25.43
CA VAL C 288 23.65 -12.78 25.48
C VAL C 288 23.29 -13.05 26.93
N ARG C 289 22.27 -12.34 27.43
CA ARG C 289 21.77 -12.47 28.80
C ARG C 289 20.27 -12.62 28.78
N ILE C 290 19.77 -13.70 29.38
CA ILE C 290 18.33 -13.90 29.52
C ILE C 290 17.84 -13.07 30.70
N LEU C 291 16.95 -12.12 30.44
CA LEU C 291 16.45 -11.25 31.49
C LEU C 291 15.19 -11.77 32.14
N GLY C 292 14.56 -12.80 31.57
CA GLY C 292 13.40 -13.37 32.21
C GLY C 292 12.69 -14.42 31.39
N VAL C 293 12.04 -15.35 32.10
CA VAL C 293 11.24 -16.40 31.49
C VAL C 293 9.94 -16.50 32.29
N TYR C 294 8.85 -15.99 31.71
CA TYR C 294 7.66 -15.70 32.50
C TYR C 294 6.40 -16.03 31.71
N LYS C 295 5.29 -16.17 32.44
CA LYS C 295 4.01 -16.47 31.81
C LYS C 295 3.57 -15.30 30.92
N GLY C 296 3.01 -15.63 29.76
CA GLY C 296 2.54 -14.64 28.81
C GLY C 296 1.03 -14.42 28.94
N SER C 297 0.60 -13.18 28.70
CA SER C 297 -0.80 -12.83 28.86
C SER C 297 -1.65 -13.42 27.74
N ASP C 298 -2.92 -13.72 28.08
CA ASP C 298 -3.86 -14.31 27.14
C ASP C 298 -4.14 -13.42 25.93
N ILE C 299 -3.77 -12.13 26.00
CA ILE C 299 -3.98 -11.21 24.90
C ILE C 299 -3.16 -11.61 23.67
N ARG C 300 -2.13 -12.43 23.86
CA ARG C 300 -1.30 -12.91 22.75
C ARG C 300 -2.06 -13.89 21.87
N PRO D 19 -1.34 -31.26 4.38
CA PRO D 19 -2.28 -30.23 4.85
C PRO D 19 -2.30 -29.02 3.91
N GLY D 20 -3.35 -28.89 3.11
CA GLY D 20 -3.43 -27.83 2.13
C GLY D 20 -3.72 -26.46 2.73
N SER D 21 -3.76 -25.46 1.85
CA SER D 21 -4.06 -24.10 2.27
C SER D 21 -5.51 -24.00 2.75
N MET D 22 -5.75 -23.07 3.68
CA MET D 22 -7.09 -22.84 4.18
C MET D 22 -7.94 -22.16 3.13
N LYS D 23 -9.13 -22.71 2.89
CA LYS D 23 -10.05 -22.15 1.91
C LYS D 23 -10.71 -20.89 2.47
N THR D 24 -10.60 -19.80 1.73
CA THR D 24 -11.23 -18.54 2.14
C THR D 24 -12.67 -18.44 1.65
N ASN D 25 -13.12 -19.36 0.82
CA ASN D 25 -14.46 -19.37 0.26
C ASN D 25 -14.76 -18.14 -0.57
N ARG D 26 -13.73 -17.41 -0.98
CA ARG D 26 -13.89 -16.21 -1.80
C ARG D 26 -13.58 -16.53 -3.25
N ILE D 27 -14.35 -15.92 -4.15
CA ILE D 27 -14.13 -16.05 -5.58
C ILE D 27 -14.07 -14.65 -6.17
N SER D 28 -12.89 -14.25 -6.64
CA SER D 28 -12.68 -12.90 -7.14
C SER D 28 -13.25 -12.73 -8.55
N PHE D 29 -13.72 -11.51 -8.82
CA PHE D 29 -14.13 -11.09 -10.15
C PHE D 29 -13.79 -9.62 -10.28
N GLN D 30 -13.71 -9.13 -11.51
CA GLN D 30 -13.49 -7.71 -11.76
C GLN D 30 -14.85 -7.01 -11.85
N GLY D 31 -15.01 -5.93 -11.07
CA GLY D 31 -16.19 -5.09 -11.20
C GLY D 31 -16.86 -4.83 -9.86
N GLU D 32 -18.07 -4.26 -9.93
CA GLU D 32 -18.88 -3.94 -8.76
C GLU D 32 -19.86 -5.07 -8.45
N ALA D 33 -20.32 -5.09 -7.21
CA ALA D 33 -21.38 -6.02 -6.84
C ALA D 33 -22.63 -5.77 -7.70
N GLY D 34 -23.26 -6.86 -8.15
CA GLY D 34 -24.43 -6.77 -9.00
C GLY D 34 -24.13 -6.84 -10.48
N ALA D 35 -22.86 -6.90 -10.87
CA ALA D 35 -22.44 -7.00 -12.26
C ALA D 35 -22.71 -8.39 -12.81
N ASN D 36 -22.47 -8.55 -14.12
CA ASN D 36 -22.64 -9.86 -14.73
C ASN D 36 -21.60 -10.86 -14.22
N SER D 37 -20.36 -10.43 -14.00
CA SER D 37 -19.35 -11.32 -13.42
C SER D 37 -19.78 -11.78 -12.01
N ASP D 38 -20.37 -10.87 -11.24
CA ASP D 38 -20.93 -11.24 -9.95
C ASP D 38 -22.04 -12.28 -10.10
N THR D 39 -22.91 -12.09 -11.11
CA THR D 39 -23.98 -13.05 -11.36
C THR D 39 -23.41 -14.42 -11.72
N ALA D 40 -22.35 -14.44 -12.53
CA ALA D 40 -21.73 -15.71 -12.89
C ALA D 40 -21.22 -16.45 -11.67
N CYS D 41 -20.54 -15.75 -10.76
CA CYS D 41 -20.05 -16.36 -9.53
C CYS D 41 -21.18 -17.00 -8.74
N ARG D 42 -22.31 -16.29 -8.61
CA ARG D 42 -23.39 -16.78 -7.76
C ARG D 42 -24.10 -17.97 -8.40
N ASN D 43 -24.20 -18.00 -9.72
CA ASN D 43 -24.87 -19.12 -10.38
C ASN D 43 -24.06 -20.40 -10.30
N MET D 44 -22.75 -20.31 -10.53
CA MET D 44 -21.93 -21.51 -10.59
C MET D 44 -21.43 -21.96 -9.23
N PHE D 45 -21.10 -21.02 -8.34
CA PHE D 45 -20.61 -21.33 -7.00
C PHE D 45 -21.51 -20.62 -5.98
N PRO D 46 -22.75 -21.11 -5.80
CA PRO D 46 -23.72 -20.36 -4.99
C PRO D 46 -23.30 -20.19 -3.54
N ASP D 47 -22.49 -21.08 -2.99
CA ASP D 47 -22.10 -21.02 -1.59
C ASP D 47 -20.80 -20.26 -1.35
N MET D 48 -20.26 -19.61 -2.37
CA MET D 48 -19.03 -18.83 -2.23
C MET D 48 -19.35 -17.34 -2.13
N GLU D 49 -18.37 -16.57 -1.65
CA GLU D 49 -18.55 -15.14 -1.42
C GLU D 49 -17.82 -14.34 -2.49
N PRO D 50 -18.52 -13.69 -3.41
CA PRO D 50 -17.82 -12.94 -4.46
C PRO D 50 -16.97 -11.82 -3.88
N LEU D 51 -15.79 -11.64 -4.47
CA LEU D 51 -14.81 -10.66 -4.03
C LEU D 51 -14.57 -9.67 -5.15
N PRO D 52 -15.19 -8.50 -5.12
CA PRO D 52 -15.01 -7.53 -6.22
C PRO D 52 -13.59 -6.97 -6.23
N CYS D 53 -13.06 -6.75 -7.42
CA CYS D 53 -11.73 -6.22 -7.59
C CYS D 53 -11.79 -5.20 -8.73
N PRO D 54 -11.02 -4.11 -8.63
CA PRO D 54 -11.16 -3.05 -9.65
C PRO D 54 -10.66 -3.46 -11.04
N THR D 55 -9.66 -4.34 -11.14
CA THR D 55 -9.12 -4.77 -12.42
C THR D 55 -8.97 -6.29 -12.47
N PHE D 56 -8.84 -6.81 -13.71
CA PHE D 56 -8.56 -8.23 -13.91
C PHE D 56 -7.27 -8.65 -13.22
N GLU D 57 -6.23 -7.82 -13.35
CA GLU D 57 -4.97 -8.10 -12.66
C GLU D 57 -5.21 -8.30 -11.16
N ASP D 58 -6.03 -7.46 -10.54
CA ASP D 58 -6.34 -7.63 -9.12
C ASP D 58 -7.10 -8.93 -8.87
N ALA D 59 -8.02 -9.28 -9.76
CA ALA D 59 -8.76 -10.53 -9.60
C ALA D 59 -7.82 -11.73 -9.70
N PHE D 60 -6.81 -11.65 -10.57
CA PHE D 60 -5.79 -12.70 -10.64
C PHE D 60 -4.95 -12.73 -9.37
N ASN D 61 -4.44 -11.57 -8.95
CA ASN D 61 -3.54 -11.52 -7.81
C ASN D 61 -4.23 -12.00 -6.53
N ALA D 62 -5.54 -11.76 -6.42
CA ALA D 62 -6.29 -12.23 -5.27
C ALA D 62 -6.21 -13.74 -5.12
N VAL D 63 -6.14 -14.46 -6.24
CA VAL D 63 -5.99 -15.91 -6.24
C VAL D 63 -4.52 -16.28 -6.03
N GLU D 64 -3.60 -15.48 -6.58
CA GLU D 64 -2.18 -15.76 -6.44
C GLU D 64 -1.73 -15.64 -4.99
N THR D 65 -2.29 -14.69 -4.23
CA THR D 65 -1.90 -14.47 -2.84
C THR D 65 -2.66 -15.33 -1.85
N GLY D 66 -3.71 -16.02 -2.28
CA GLY D 66 -4.51 -16.82 -1.36
C GLY D 66 -5.69 -16.11 -0.74
N ALA D 67 -5.92 -14.83 -1.10
CA ALA D 67 -7.13 -14.15 -0.64
C ALA D 67 -8.40 -14.79 -1.22
N ALA D 68 -8.33 -15.36 -2.41
CA ALA D 68 -9.48 -16.00 -3.06
C ALA D 68 -9.11 -17.40 -3.50
N ASP D 69 -10.06 -18.33 -3.38
CA ASP D 69 -9.85 -19.70 -3.83
C ASP D 69 -9.93 -19.83 -5.35
N LEU D 70 -10.74 -19.00 -6.01
CA LEU D 70 -10.99 -19.05 -7.44
C LEU D 70 -11.18 -17.63 -7.98
N ALA D 71 -11.07 -17.50 -9.30
CA ALA D 71 -11.37 -16.26 -9.99
C ALA D 71 -12.29 -16.55 -11.17
N MET D 72 -13.27 -15.68 -11.37
CA MET D 72 -14.26 -15.80 -12.44
C MET D 72 -13.97 -14.70 -13.45
N ILE D 73 -13.44 -15.08 -14.61
CA ILE D 73 -12.90 -14.10 -15.57
C ILE D 73 -13.65 -14.22 -16.89
N PRO D 74 -14.27 -13.16 -17.38
CA PRO D 74 -14.86 -13.21 -18.72
C PRO D 74 -13.78 -13.14 -19.80
N ILE D 75 -13.92 -13.96 -20.83
CA ILE D 75 -12.95 -13.94 -21.93
C ILE D 75 -13.58 -13.85 -23.30
N GLU D 76 -14.83 -14.25 -23.49
CA GLU D 76 -15.46 -14.12 -24.80
C GLU D 76 -16.88 -13.60 -24.61
N ASN D 77 -17.26 -12.63 -25.44
CA ASN D 77 -18.62 -12.13 -25.45
C ASN D 77 -19.09 -12.00 -26.89
N THR D 78 -20.31 -12.47 -27.16
CA THR D 78 -20.78 -12.54 -28.55
C THR D 78 -20.89 -11.16 -29.17
N LEU D 79 -21.16 -10.12 -28.37
CA LEU D 79 -21.39 -8.78 -28.92
C LEU D 79 -20.43 -7.69 -28.45
N ALA D 80 -19.12 -7.96 -28.51
CA ALA D 80 -18.08 -6.95 -28.28
C ALA D 80 -18.07 -6.39 -26.85
N GLY D 81 -18.40 -7.22 -25.87
CA GLY D 81 -18.34 -6.82 -24.48
C GLY D 81 -16.92 -6.77 -23.92
N ARG D 82 -16.82 -6.34 -22.67
CA ARG D 82 -15.52 -6.22 -22.00
C ARG D 82 -15.05 -7.60 -21.58
N VAL D 83 -13.85 -7.98 -22.03
CA VAL D 83 -13.26 -9.27 -21.67
C VAL D 83 -11.79 -9.07 -21.32
N ALA D 84 -11.27 -9.98 -20.50
CA ALA D 84 -9.85 -9.93 -20.13
C ALA D 84 -9.00 -10.49 -21.26
N ASP D 85 -7.80 -9.93 -21.42
CA ASP D 85 -6.84 -10.45 -22.39
C ASP D 85 -6.23 -11.70 -21.77
N ILE D 86 -6.96 -12.81 -21.88
CA ILE D 86 -6.55 -14.05 -21.22
C ILE D 86 -5.24 -14.58 -21.82
N HIS D 87 -4.99 -14.32 -23.11
CA HIS D 87 -3.76 -14.77 -23.75
C HIS D 87 -2.54 -14.09 -23.14
N TYR D 88 -2.70 -12.87 -22.67
CA TYR D 88 -1.57 -12.18 -22.06
C TYR D 88 -1.42 -12.58 -20.59
N LEU D 89 -2.53 -12.63 -19.85
CA LEU D 89 -2.49 -12.73 -18.40
C LEU D 89 -2.29 -14.16 -17.92
N LEU D 90 -2.99 -15.13 -18.50
CA LEU D 90 -2.92 -16.48 -17.93
C LEU D 90 -1.54 -17.10 -18.05
N PRO D 91 -0.80 -16.98 -19.17
CA PRO D 91 0.58 -17.52 -19.20
C PRO D 91 1.51 -16.94 -18.15
N LEU D 92 1.25 -15.72 -17.66
CA LEU D 92 2.11 -15.12 -16.64
C LEU D 92 1.73 -15.57 -15.24
N ALA D 93 0.51 -16.04 -15.06
CA ALA D 93 0.05 -16.51 -13.77
C ALA D 93 0.56 -17.92 -13.47
N ASP D 94 0.48 -18.25 -12.19
CA ASP D 94 0.74 -19.61 -11.72
C ASP D 94 -0.59 -20.32 -11.46
N MET D 95 -1.41 -20.35 -12.52
CA MET D 95 -2.80 -20.75 -12.38
C MET D 95 -3.23 -21.64 -13.53
N HIS D 96 -4.37 -22.29 -13.35
CA HIS D 96 -4.95 -23.19 -14.33
C HIS D 96 -6.43 -22.88 -14.48
N ILE D 97 -6.99 -23.23 -15.64
CA ILE D 97 -8.43 -23.15 -15.86
C ILE D 97 -9.03 -24.44 -15.34
N VAL D 98 -9.99 -24.33 -14.42
CA VAL D 98 -10.60 -25.48 -13.78
C VAL D 98 -12.10 -25.53 -14.01
N GLY D 99 -12.61 -24.73 -14.94
CA GLY D 99 -14.03 -24.71 -15.25
C GLY D 99 -14.32 -23.63 -16.26
N GLU D 100 -15.52 -23.71 -16.83
CA GLU D 100 -15.97 -22.65 -17.73
C GLU D 100 -17.44 -22.37 -17.44
N TYR D 101 -17.90 -21.20 -17.87
CA TYR D 101 -19.28 -20.82 -17.64
C TYR D 101 -19.74 -19.91 -18.75
N PHE D 102 -20.96 -20.16 -19.23
CA PHE D 102 -21.60 -19.37 -20.27
C PHE D 102 -22.83 -18.71 -19.65
N LEU D 103 -22.85 -17.38 -19.66
CA LEU D 103 -23.96 -16.65 -19.04
C LEU D 103 -24.76 -15.94 -20.11
N PRO D 104 -26.04 -16.28 -20.27
CA PRO D 104 -26.91 -15.50 -21.15
C PRO D 104 -27.10 -14.10 -20.59
N ILE D 105 -26.88 -13.09 -21.44
CA ILE D 105 -26.91 -11.69 -21.02
C ILE D 105 -28.31 -11.12 -21.19
N HIS D 106 -28.86 -10.55 -20.11
CA HIS D 106 -30.15 -9.88 -20.12
C HIS D 106 -30.05 -8.56 -19.38
N PHE D 107 -30.77 -7.54 -19.87
CA PHE D 107 -30.76 -6.23 -19.23
C PHE D 107 -32.13 -5.89 -18.69
N GLN D 108 -32.15 -5.29 -17.49
CA GLN D 108 -33.39 -4.90 -16.85
C GLN D 108 -33.45 -3.37 -16.72
N LEU D 109 -34.58 -2.79 -17.09
CA LEU D 109 -34.80 -1.35 -16.94
C LEU D 109 -35.27 -1.09 -15.52
N MET D 110 -34.47 -0.39 -14.74
CA MET D 110 -34.78 -0.24 -13.32
C MET D 110 -34.89 1.23 -12.95
N VAL D 111 -35.74 1.50 -11.95
CA VAL D 111 -36.09 2.85 -11.51
C VAL D 111 -36.25 2.85 -9.99
N LEU D 112 -36.39 4.06 -9.44
CA LEU D 112 -36.64 4.20 -8.02
C LEU D 112 -37.99 3.61 -7.66
N PRO D 113 -38.17 3.13 -6.43
CA PRO D 113 -39.41 2.42 -6.08
C PRO D 113 -40.63 3.27 -6.31
N GLY D 114 -41.64 2.68 -6.96
CA GLY D 114 -42.88 3.37 -7.23
C GLY D 114 -42.84 4.37 -8.37
N VAL D 115 -41.69 4.57 -9.01
CA VAL D 115 -41.62 5.51 -10.12
C VAL D 115 -42.30 4.90 -11.34
N ARG D 116 -43.13 5.69 -12.01
CA ARG D 116 -43.88 5.27 -13.19
C ARG D 116 -43.14 5.65 -14.48
N ARG D 117 -43.42 4.88 -15.53
CA ARG D 117 -42.75 5.03 -16.82
C ARG D 117 -42.81 6.47 -17.35
N GLU D 118 -43.94 7.15 -17.11
CA GLU D 118 -44.16 8.52 -17.60
C GLU D 118 -43.16 9.53 -17.04
N GLU D 119 -42.55 9.25 -15.89
CA GLU D 119 -41.61 10.18 -15.27
C GLU D 119 -40.20 10.14 -15.88
N ILE D 120 -39.83 9.05 -16.53
CA ILE D 120 -38.44 8.85 -16.95
C ILE D 120 -38.06 9.80 -18.07
N LYS D 121 -36.87 10.39 -17.95
CA LYS D 121 -36.29 11.18 -19.04
C LYS D 121 -34.98 10.62 -19.56
N THR D 122 -34.11 10.13 -18.68
CA THR D 122 -32.79 9.64 -19.08
C THR D 122 -32.57 8.21 -18.60
N VAL D 123 -31.84 7.46 -19.40
CA VAL D 123 -31.46 6.09 -19.06
C VAL D 123 -29.94 6.00 -19.05
N HIS D 124 -29.38 5.52 -17.94
CA HIS D 124 -27.95 5.51 -17.72
C HIS D 124 -27.43 4.07 -17.73
N SER D 125 -26.34 3.83 -18.49
CA SER D 125 -25.73 2.50 -18.53
C SER D 125 -24.42 2.56 -19.31
N HIS D 126 -23.74 1.42 -19.38
CA HIS D 126 -22.54 1.27 -20.18
C HIS D 126 -22.88 1.26 -21.68
N ILE D 127 -21.95 1.80 -22.48
CA ILE D 127 -22.17 1.98 -23.91
C ILE D 127 -22.57 0.68 -24.59
N HIS D 128 -22.07 -0.46 -24.11
CA HIS D 128 -22.48 -1.73 -24.71
C HIS D 128 -23.92 -2.06 -24.36
N ALA D 129 -24.35 -1.75 -23.13
CA ALA D 129 -25.74 -1.96 -22.75
C ALA D 129 -26.66 -1.05 -23.52
N LEU D 130 -26.28 0.23 -23.66
CA LEU D 130 -27.07 1.16 -24.47
C LEU D 130 -27.23 0.65 -25.91
N GLY D 131 -26.15 0.12 -26.50
CA GLY D 131 -26.22 -0.36 -27.86
C GLY D 131 -27.04 -1.61 -28.05
N GLN D 132 -27.26 -2.39 -26.99
CA GLN D 132 -28.09 -3.57 -27.05
C GLN D 132 -29.52 -3.29 -26.59
N CYS D 133 -29.81 -2.07 -26.16
CA CYS D 133 -31.12 -1.68 -25.68
C CYS D 133 -31.57 -0.41 -26.38
N ARG D 134 -31.22 -0.27 -27.66
CA ARG D 134 -31.51 0.95 -28.39
C ARG D 134 -33.00 1.12 -28.63
N ASN D 135 -33.73 0.01 -28.79
CA ASN D 135 -35.15 0.06 -29.11
C ASN D 135 -35.96 0.68 -27.98
N VAL D 136 -35.75 0.22 -26.75
CA VAL D 136 -36.54 0.73 -25.63
C VAL D 136 -36.16 2.16 -25.31
N ILE D 137 -34.97 2.59 -25.69
CA ILE D 137 -34.59 3.99 -25.49
C ILE D 137 -35.33 4.90 -26.46
N ARG D 138 -35.48 4.46 -27.73
CA ARG D 138 -36.12 5.30 -28.73
C ARG D 138 -37.65 5.19 -28.68
N GLN D 139 -38.17 3.98 -28.43
CA GLN D 139 -39.62 3.78 -28.36
C GLN D 139 -40.24 4.60 -27.23
N ASN D 140 -39.47 4.88 -26.19
CA ASN D 140 -39.97 5.67 -25.06
C ASN D 140 -39.49 7.12 -25.12
N GLY D 141 -38.70 7.48 -26.12
CA GLY D 141 -38.25 8.85 -26.27
C GLY D 141 -37.29 9.31 -25.18
N TRP D 142 -36.44 8.42 -24.71
CA TRP D 142 -35.48 8.72 -23.65
C TRP D 142 -34.10 9.04 -24.23
N LYS D 143 -33.25 9.60 -23.38
CA LYS D 143 -31.89 9.99 -23.75
C LYS D 143 -30.91 9.01 -23.12
N GLY D 144 -30.22 8.23 -23.97
CA GLY D 144 -29.20 7.34 -23.45
C GLY D 144 -28.03 8.14 -22.90
N VAL D 145 -27.59 7.80 -21.69
CA VAL D 145 -26.52 8.51 -21.00
C VAL D 145 -25.43 7.54 -20.60
N ILE D 146 -24.17 7.86 -20.93
CA ILE D 146 -23.05 7.04 -20.54
C ILE D 146 -22.92 6.99 -19.02
N ALA D 147 -22.54 5.83 -18.51
CA ALA D 147 -22.19 5.63 -17.11
C ALA D 147 -20.95 4.75 -17.08
N GLY D 148 -20.09 4.98 -16.07
CA GLY D 148 -18.82 4.27 -16.04
C GLY D 148 -18.99 2.77 -16.00
N ASP D 149 -20.01 2.29 -15.29
CA ASP D 149 -20.20 0.86 -15.12
C ASP D 149 -21.70 0.61 -15.06
N THR D 150 -22.10 -0.55 -15.61
CA THR D 150 -23.50 -0.91 -15.67
C THR D 150 -24.10 -1.05 -14.27
N ALA D 151 -23.49 -1.88 -13.42
CA ALA D 151 -23.95 -1.97 -12.04
C ALA D 151 -23.82 -0.64 -11.32
N GLY D 152 -22.80 0.15 -11.67
CA GLY D 152 -22.66 1.48 -11.11
C GLY D 152 -23.82 2.40 -11.47
N ALA D 153 -24.40 2.20 -12.65
CA ALA D 153 -25.54 3.02 -13.07
C ALA D 153 -26.74 2.80 -12.14
N ALA D 154 -27.00 1.56 -11.76
CA ALA D 154 -28.03 1.31 -10.76
C ALA D 154 -27.64 1.91 -9.41
N ARG D 155 -26.37 1.76 -9.03
CA ARG D 155 -25.88 2.44 -7.83
C ARG D 155 -26.07 3.94 -7.96
N LEU D 156 -25.82 4.49 -9.16
CA LEU D 156 -25.99 5.92 -9.38
C LEU D 156 -27.44 6.34 -9.20
N VAL D 157 -28.38 5.58 -9.79
CA VAL D 157 -29.79 5.97 -9.70
C VAL D 157 -30.28 5.88 -8.26
N ALA D 158 -29.87 4.86 -7.52
CA ALA D 158 -30.30 4.74 -6.14
C ALA D 158 -29.69 5.85 -5.27
N ASP D 159 -28.54 6.39 -5.69
CA ASP D 159 -27.85 7.41 -4.92
C ASP D 159 -28.39 8.81 -5.22
N VAL D 160 -28.65 9.12 -6.49
CA VAL D 160 -29.03 10.47 -6.87
C VAL D 160 -30.48 10.76 -6.47
N LYS D 161 -31.33 9.73 -6.44
CA LYS D 161 -32.74 9.84 -6.06
C LYS D 161 -33.51 10.80 -6.97
N ASP D 162 -33.12 10.87 -8.24
CA ASP D 162 -33.86 11.61 -9.26
C ASP D 162 -34.83 10.65 -9.93
N ARG D 163 -36.12 10.87 -9.74
CA ARG D 163 -37.12 9.94 -10.27
C ARG D 163 -37.10 9.87 -11.78
N SER D 164 -36.57 10.89 -12.45
CA SER D 164 -36.47 10.91 -13.90
C SER D 164 -35.34 10.04 -14.46
N MET D 165 -34.42 9.56 -13.61
CA MET D 165 -33.25 8.81 -14.07
C MET D 165 -33.50 7.31 -13.95
N ALA D 166 -33.35 6.59 -15.06
CA ALA D 166 -33.43 5.14 -15.07
C ALA D 166 -32.07 4.54 -15.39
N ALA D 167 -31.93 3.26 -15.09
CA ALA D 167 -30.70 2.53 -15.34
C ALA D 167 -31.01 1.22 -16.07
N LEU D 168 -30.03 0.76 -16.84
CA LEU D 168 -30.04 -0.58 -17.43
C LEU D 168 -28.92 -1.36 -16.76
N ALA D 169 -29.28 -2.42 -16.05
CA ALA D 169 -28.31 -3.15 -15.23
C ALA D 169 -28.77 -4.59 -15.11
N PRO D 170 -27.88 -5.49 -14.67
CA PRO D 170 -28.29 -6.89 -14.46
C PRO D 170 -29.34 -7.01 -13.37
N ARG D 171 -30.13 -8.07 -13.48
CA ARG D 171 -31.24 -8.27 -12.54
C ARG D 171 -30.75 -8.24 -11.11
N LEU D 172 -29.54 -8.76 -10.88
CA LEU D 172 -28.97 -8.81 -9.55
C LEU D 172 -28.82 -7.42 -8.93
N ALA D 173 -28.42 -6.42 -9.73
CA ALA D 173 -28.21 -5.07 -9.20
C ALA D 173 -29.49 -4.42 -8.70
N ALA D 174 -30.65 -4.80 -9.23
CA ALA D 174 -31.90 -4.18 -8.76
C ALA D 174 -32.16 -4.56 -7.31
N ASP D 175 -32.01 -5.84 -6.97
CA ASP D 175 -32.24 -6.27 -5.61
C ASP D 175 -31.22 -5.68 -4.65
N LEU D 176 -30.00 -5.43 -5.12
CA LEU D 176 -28.94 -4.94 -4.24
CA LEU D 176 -28.95 -4.94 -4.23
C LEU D 176 -29.09 -3.46 -3.93
N TYR D 177 -29.69 -2.68 -4.82
CA TYR D 177 -29.89 -1.25 -4.60
C TYR D 177 -31.36 -0.88 -4.42
N GLY D 178 -32.24 -1.86 -4.22
CA GLY D 178 -33.64 -1.58 -3.95
C GLY D 178 -34.34 -0.82 -5.06
N LEU D 179 -34.04 -1.16 -6.31
CA LEU D 179 -34.65 -0.48 -7.44
C LEU D 179 -35.75 -1.34 -8.02
N ASP D 180 -36.80 -0.68 -8.50
CA ASP D 180 -37.89 -1.38 -9.15
C ASP D 180 -37.50 -1.70 -10.59
N ILE D 181 -37.85 -2.90 -11.04
CA ILE D 181 -37.64 -3.26 -12.43
C ILE D 181 -38.91 -2.89 -13.18
N LEU D 182 -38.83 -1.83 -13.98
CA LEU D 182 -39.98 -1.36 -14.74
C LEU D 182 -40.30 -2.29 -15.90
N GLU D 183 -39.28 -2.74 -16.63
CA GLU D 183 -39.45 -3.65 -17.73
C GLU D 183 -38.32 -4.67 -17.72
N GLU D 184 -38.62 -5.89 -18.13
CA GLU D 184 -37.68 -6.98 -18.02
C GLU D 184 -37.10 -7.28 -19.39
N ASN D 185 -35.80 -7.61 -19.41
CA ASN D 185 -35.14 -8.14 -20.61
C ASN D 185 -35.39 -7.23 -21.82
N VAL D 186 -34.97 -5.98 -21.68
CA VAL D 186 -35.31 -4.95 -22.64
C VAL D 186 -34.28 -4.91 -23.77
N GLU D 187 -33.35 -5.84 -23.75
CA GLU D 187 -32.31 -5.84 -24.77
C GLU D 187 -32.93 -6.14 -26.14
N ASP D 188 -32.31 -5.60 -27.18
CA ASP D 188 -32.79 -5.76 -28.54
C ASP D 188 -32.75 -7.22 -28.95
N SER D 189 -31.56 -7.79 -29.05
CA SER D 189 -31.35 -9.16 -29.49
C SER D 189 -31.16 -10.11 -28.31
N GLU D 190 -31.57 -11.35 -28.52
CA GLU D 190 -31.31 -12.43 -27.59
C GLU D 190 -30.08 -13.21 -28.08
N ASN D 191 -29.73 -14.26 -27.33
CA ASN D 191 -28.57 -15.10 -27.64
C ASN D 191 -27.27 -14.29 -27.59
N ASN D 192 -27.18 -13.39 -26.61
CA ASN D 192 -25.95 -12.68 -26.27
C ASN D 192 -25.38 -13.40 -25.05
N VAL D 193 -24.28 -14.12 -25.24
CA VAL D 193 -23.73 -14.99 -24.20
C VAL D 193 -22.30 -14.55 -23.92
N THR D 194 -21.93 -14.56 -22.64
CA THR D 194 -20.57 -14.28 -22.21
C THR D 194 -19.97 -15.58 -21.68
N ARG D 195 -18.75 -15.88 -22.12
CA ARG D 195 -18.03 -17.06 -21.66
C ARG D 195 -17.02 -16.65 -20.61
N PHE D 196 -17.12 -17.25 -19.43
CA PHE D 196 -16.13 -17.09 -18.38
C PHE D 196 -15.26 -18.34 -18.30
N VAL D 197 -14.06 -18.17 -17.75
CA VAL D 197 -13.23 -19.27 -17.31
C VAL D 197 -12.99 -19.10 -15.80
N VAL D 198 -13.00 -20.21 -15.09
CA VAL D 198 -12.72 -20.25 -13.66
C VAL D 198 -11.25 -20.58 -13.48
N LEU D 199 -10.53 -19.75 -12.75
CA LEU D 199 -9.10 -19.92 -12.58
C LEU D 199 -8.80 -20.37 -11.16
N SER D 200 -7.72 -21.14 -10.99
CA SER D 200 -7.33 -21.61 -9.67
C SER D 200 -5.82 -21.78 -9.61
N LYS D 201 -5.29 -21.78 -8.38
CA LYS D 201 -3.87 -22.06 -8.18
C LYS D 201 -3.58 -23.55 -8.28
N ASN D 202 -4.56 -24.40 -7.96
CA ASN D 202 -4.32 -25.84 -7.94
C ASN D 202 -4.41 -26.40 -9.35
N LYS D 203 -3.45 -27.25 -9.71
CA LYS D 203 -3.30 -27.78 -11.06
C LYS D 203 -4.10 -29.05 -11.30
N GLN D 204 -5.25 -29.22 -10.65
CA GLN D 204 -6.03 -30.44 -10.81
C GLN D 204 -6.66 -30.53 -12.19
N TRP D 205 -6.48 -31.68 -12.83
CA TRP D 205 -7.06 -31.98 -14.14
C TRP D 205 -8.34 -32.80 -13.98
N ALA D 206 -9.29 -32.55 -14.88
CA ALA D 206 -10.42 -33.46 -15.00
C ALA D 206 -9.96 -34.81 -15.53
N ALA D 207 -10.67 -35.87 -15.14
CA ALA D 207 -10.36 -37.24 -15.55
C ALA D 207 -10.67 -37.46 -17.03
N ARG D 208 -9.94 -38.39 -17.65
CA ARG D 208 -10.19 -38.70 -19.05
C ARG D 208 -11.65 -39.15 -19.22
N PRO D 209 -12.41 -38.57 -20.15
CA PRO D 209 -13.79 -39.02 -20.32
C PRO D 209 -13.84 -40.45 -20.85
N GLU D 210 -14.66 -41.27 -20.20
CA GLU D 210 -14.92 -42.63 -20.64
C GLU D 210 -16.33 -42.83 -21.15
N ASN D 211 -17.27 -41.96 -20.75
CA ASN D 211 -18.65 -42.08 -21.18
C ASN D 211 -19.11 -40.78 -21.83
N ASP D 212 -18.34 -40.32 -22.82
CA ASP D 212 -18.71 -39.21 -23.69
C ASP D 212 -18.95 -37.91 -22.93
N GLU D 213 -18.21 -37.67 -21.86
CA GLU D 213 -18.29 -36.37 -21.21
C GLU D 213 -17.49 -35.34 -21.99
N ARG D 214 -17.91 -34.09 -21.89
CA ARG D 214 -17.25 -33.00 -22.62
C ARG D 214 -16.09 -32.47 -21.78
N ILE D 215 -14.89 -32.47 -22.37
CA ILE D 215 -13.67 -32.06 -21.69
C ILE D 215 -12.93 -31.07 -22.59
N VAL D 216 -12.39 -30.01 -21.98
CA VAL D 216 -11.66 -28.97 -22.71
C VAL D 216 -10.22 -28.92 -22.23
N THR D 217 -9.29 -28.81 -23.18
CA THR D 217 -7.87 -28.60 -22.91
C THR D 217 -7.46 -27.27 -23.51
N THR D 218 -6.83 -26.43 -22.71
CA THR D 218 -6.36 -25.12 -23.17
C THR D 218 -4.85 -25.10 -23.12
N PHE D 219 -4.21 -24.66 -24.21
CA PHE D 219 -2.76 -24.69 -24.28
C PHE D 219 -2.28 -23.55 -25.17
N VAL D 220 -1.00 -23.21 -25.00
CA VAL D 220 -0.36 -22.21 -25.85
C VAL D 220 0.82 -22.87 -26.54
N PHE D 221 1.21 -22.30 -27.68
CA PHE D 221 2.39 -22.80 -28.38
C PHE D 221 2.98 -21.71 -29.25
N ARG D 222 4.26 -21.87 -29.58
CA ARG D 222 4.98 -20.91 -30.42
C ARG D 222 5.38 -21.56 -31.74
N VAL D 223 5.24 -20.81 -32.84
CA VAL D 223 5.78 -21.20 -34.13
C VAL D 223 6.49 -20.00 -34.74
N ARG D 224 7.32 -20.28 -35.73
CA ARG D 224 7.94 -19.22 -36.52
C ARG D 224 6.88 -18.56 -37.40
N ASN D 225 7.08 -17.27 -37.68
CA ASN D 225 6.13 -16.47 -38.46
C ASN D 225 6.41 -16.63 -39.94
N VAL D 226 6.28 -17.87 -40.41
CA VAL D 226 6.59 -18.21 -41.80
C VAL D 226 5.42 -19.00 -42.39
N PRO D 227 5.28 -18.97 -43.71
CA PRO D 227 4.12 -19.65 -44.33
C PRO D 227 4.04 -21.11 -43.93
N ALA D 228 2.82 -21.56 -43.69
CA ALA D 228 2.42 -22.92 -43.36
C ALA D 228 2.82 -23.35 -41.97
N ALA D 229 3.47 -22.50 -41.17
CA ALA D 229 3.94 -22.99 -39.88
C ALA D 229 2.75 -23.32 -38.97
N LEU D 230 1.69 -22.50 -39.03
CA LEU D 230 0.49 -22.82 -38.27
C LEU D 230 -0.19 -24.07 -38.80
N TYR D 231 -0.24 -24.19 -40.14
CA TYR D 231 -0.79 -25.36 -40.79
C TYR D 231 -0.13 -26.63 -40.29
N LYS D 232 1.21 -26.64 -40.26
CA LYS D 232 1.94 -27.79 -39.75
C LYS D 232 1.52 -28.14 -38.33
N ALA D 233 1.38 -27.11 -37.48
CA ALA D 233 1.05 -27.34 -36.08
C ALA D 233 -0.36 -27.90 -35.93
N LEU D 234 -1.27 -27.54 -36.85
CA LEU D 234 -2.65 -28.02 -36.76
C LEU D 234 -2.86 -29.38 -37.41
N GLY D 235 -1.92 -29.85 -38.23
CA GLY D 235 -2.14 -31.08 -38.98
C GLY D 235 -2.57 -32.24 -38.12
N GLY D 236 -2.01 -32.35 -36.91
CA GLY D 236 -2.29 -33.50 -36.07
C GLY D 236 -3.71 -33.57 -35.56
N PHE D 237 -4.31 -32.42 -35.22
CA PHE D 237 -5.70 -32.41 -34.80
C PHE D 237 -6.62 -32.72 -35.98
N ALA D 238 -6.28 -32.20 -37.16
CA ALA D 238 -7.14 -32.39 -38.35
C ALA D 238 -7.24 -33.87 -38.74
N THR D 239 -6.13 -34.61 -38.72
CA THR D 239 -6.19 -36.02 -39.13
C THR D 239 -6.54 -36.96 -37.98
N ASN D 240 -6.69 -36.47 -36.75
CA ASN D 240 -7.13 -37.30 -35.64
C ASN D 240 -8.52 -36.93 -35.12
N GLY D 241 -9.21 -36.01 -35.79
CA GLY D 241 -10.58 -35.70 -35.41
C GLY D 241 -10.72 -34.98 -34.09
N VAL D 242 -9.76 -34.13 -33.76
CA VAL D 242 -9.85 -33.32 -32.55
C VAL D 242 -10.47 -31.99 -32.95
N ASN D 243 -11.61 -31.65 -32.34
CA ASN D 243 -12.26 -30.40 -32.62
C ASN D 243 -11.58 -29.31 -31.81
N MET D 244 -11.15 -28.26 -32.51
CA MET D 244 -10.56 -27.09 -31.87
C MET D 244 -11.64 -26.00 -31.83
N THR D 245 -11.85 -25.39 -30.65
CA THR D 245 -12.95 -24.43 -30.51
C THR D 245 -12.50 -23.01 -30.20
N LYS D 246 -11.21 -22.76 -30.00
CA LYS D 246 -10.72 -21.41 -29.85
C LYS D 246 -9.29 -21.35 -30.36
N LEU D 247 -8.95 -20.26 -31.06
CA LEU D 247 -7.60 -20.09 -31.57
C LEU D 247 -7.33 -18.62 -31.80
N GLU D 248 -6.32 -18.07 -31.10
CA GLU D 248 -5.99 -16.65 -31.13
C GLU D 248 -4.52 -16.50 -31.45
N SER D 249 -4.20 -15.64 -32.41
CA SER D 249 -2.81 -15.36 -32.72
C SER D 249 -2.30 -14.16 -31.92
N TYR D 250 -1.00 -14.20 -31.63
CA TYR D 250 -0.32 -13.14 -30.89
C TYR D 250 1.11 -13.11 -31.40
N GLN D 251 1.52 -12.01 -32.05
CA GLN D 251 2.91 -11.85 -32.49
C GLN D 251 3.80 -11.49 -31.30
N LEU D 252 4.94 -12.17 -31.21
CA LEU D 252 5.82 -12.06 -30.05
C LEU D 252 6.69 -10.82 -30.10
N GLY D 253 6.93 -10.22 -28.94
CA GLY D 253 7.72 -9.01 -28.84
C GLY D 253 7.09 -7.93 -29.71
N GLY D 254 7.92 -6.96 -30.09
CA GLY D 254 7.50 -6.02 -31.11
C GLY D 254 7.63 -6.55 -32.52
N ARG D 255 8.52 -7.51 -32.74
CA ARG D 255 8.85 -7.99 -34.07
C ARG D 255 7.78 -8.95 -34.61
N PHE D 256 7.98 -9.37 -35.85
CA PHE D 256 7.11 -10.31 -36.56
C PHE D 256 7.86 -11.59 -36.90
N ILE D 257 8.72 -12.02 -35.97
CA ILE D 257 9.59 -13.18 -36.16
C ILE D 257 8.95 -14.48 -35.66
N ALA D 258 8.21 -14.43 -34.56
CA ALA D 258 7.66 -15.64 -33.94
C ALA D 258 6.29 -15.31 -33.40
N THR D 259 5.46 -16.33 -33.27
CA THR D 259 4.05 -16.15 -32.95
C THR D 259 3.61 -17.13 -31.88
N GLN D 260 2.84 -16.64 -30.90
CA GLN D 260 2.25 -17.52 -29.90
C GLN D 260 0.78 -17.67 -30.17
N PHE D 261 0.25 -18.85 -29.87
CA PHE D 261 -1.15 -19.13 -30.11
C PHE D 261 -1.79 -19.63 -28.82
N TYR D 262 -3.04 -19.21 -28.60
CA TYR D 262 -3.87 -19.68 -27.49
C TYR D 262 -4.95 -20.56 -28.08
N ALA D 263 -5.10 -21.77 -27.55
CA ALA D 263 -6.01 -22.73 -28.19
C ALA D 263 -6.79 -23.54 -27.18
N ASP D 264 -8.04 -23.82 -27.52
CA ASP D 264 -8.90 -24.76 -26.81
C ASP D 264 -9.22 -25.92 -27.76
N ILE D 265 -9.12 -27.15 -27.26
CA ILE D 265 -9.62 -28.31 -27.99
C ILE D 265 -10.61 -29.05 -27.11
N GLU D 266 -11.50 -29.79 -27.78
CA GLU D 266 -12.43 -30.69 -27.09
C GLU D 266 -11.75 -32.05 -27.04
N GLY D 267 -11.16 -32.35 -25.89
CA GLY D 267 -10.41 -33.56 -25.69
C GLY D 267 -9.54 -33.44 -24.46
N HIS D 268 -9.10 -34.59 -23.96
CA HIS D 268 -8.24 -34.78 -22.82
C HIS D 268 -6.86 -35.28 -23.29
N PRO D 269 -5.76 -34.77 -22.70
CA PRO D 269 -4.42 -35.14 -23.23
C PRO D 269 -4.10 -36.61 -23.11
N GLU D 270 -4.79 -37.36 -22.25
CA GLU D 270 -4.56 -38.79 -22.14
C GLU D 270 -5.35 -39.59 -23.17
N GLU D 271 -6.25 -38.96 -23.91
CA GLU D 271 -6.88 -39.63 -25.04
C GLU D 271 -5.87 -39.88 -26.14
N ARG D 272 -5.97 -41.06 -26.78
CA ARG D 272 -4.99 -41.39 -27.81
C ARG D 272 -5.00 -40.37 -28.94
N SER D 273 -6.20 -39.99 -29.41
CA SER D 273 -6.26 -39.05 -30.53
C SER D 273 -5.56 -37.74 -30.19
N VAL D 274 -5.78 -37.22 -28.98
CA VAL D 274 -5.14 -35.96 -28.60
C VAL D 274 -3.65 -36.18 -28.42
N GLN D 275 -3.27 -37.30 -27.81
CA GLN D 275 -1.87 -37.65 -27.64
C GLN D 275 -1.12 -37.64 -28.97
N LEU D 276 -1.73 -38.21 -30.01
CA LEU D 276 -1.08 -38.23 -31.32
C LEU D 276 -1.01 -36.83 -31.91
N ALA D 277 -2.09 -36.05 -31.79
CA ALA D 277 -2.07 -34.66 -32.24
C ALA D 277 -0.99 -33.86 -31.53
N LEU D 278 -0.89 -34.01 -30.20
CA LEU D 278 0.14 -33.30 -29.46
C LEU D 278 1.53 -33.78 -29.83
N GLU D 279 1.68 -35.09 -30.07
CA GLU D 279 2.97 -35.62 -30.49
C GLU D 279 3.38 -35.06 -31.85
N GLU D 280 2.42 -34.92 -32.77
CA GLU D 280 2.71 -34.27 -34.04
C GLU D 280 2.97 -32.77 -33.85
N LEU D 281 2.20 -32.13 -32.97
CA LEU D 281 2.41 -30.71 -32.69
C LEU D 281 3.80 -30.45 -32.13
N ARG D 282 4.30 -31.36 -31.29
CA ARG D 282 5.60 -31.14 -30.65
C ARG D 282 6.74 -31.11 -31.66
N PHE D 283 6.57 -31.79 -32.79
CA PHE D 283 7.62 -31.76 -33.80
C PHE D 283 7.69 -30.41 -34.49
N PHE D 284 6.54 -29.74 -34.61
CA PHE D 284 6.44 -28.52 -35.40
C PHE D 284 6.40 -27.25 -34.56
N THR D 285 6.55 -27.34 -33.25
CA THR D 285 6.47 -26.13 -32.44
C THR D 285 7.52 -26.18 -31.35
N LYS D 286 7.66 -25.05 -30.68
CA LYS D 286 8.43 -24.97 -29.45
C LYS D 286 7.49 -24.51 -28.34
N GLU D 287 7.85 -24.84 -27.11
CA GLU D 287 7.22 -24.25 -25.94
C GLU D 287 5.71 -24.46 -25.91
N VAL D 288 5.29 -25.72 -26.03
CA VAL D 288 3.89 -26.06 -25.83
C VAL D 288 3.62 -26.16 -24.35
N ARG D 289 2.61 -25.42 -23.87
CA ARG D 289 2.28 -25.40 -22.44
C ARG D 289 0.79 -25.58 -22.25
N ILE D 290 0.39 -26.60 -21.49
CA ILE D 290 -1.02 -26.83 -21.16
C ILE D 290 -1.42 -25.94 -19.99
N LEU D 291 -2.44 -25.10 -20.20
CA LEU D 291 -2.92 -24.19 -19.16
C LEU D 291 -4.15 -24.70 -18.40
N GLY D 292 -4.79 -25.77 -18.87
CA GLY D 292 -5.89 -26.33 -18.09
C GLY D 292 -6.64 -27.45 -18.80
N VAL D 293 -7.22 -28.35 -18.00
CA VAL D 293 -7.98 -29.50 -18.49
C VAL D 293 -9.22 -29.61 -17.61
N TYR D 294 -10.38 -29.26 -18.14
CA TYR D 294 -11.56 -29.00 -17.33
C TYR D 294 -12.84 -29.48 -18.03
N LYS D 295 -13.90 -29.60 -17.23
CA LYS D 295 -15.22 -29.96 -17.75
C LYS D 295 -15.75 -28.87 -18.68
N GLY D 296 -16.40 -29.29 -19.76
CA GLY D 296 -17.00 -28.37 -20.71
C GLY D 296 -18.48 -28.20 -20.45
N SER D 297 -18.98 -27.00 -20.69
CA SER D 297 -20.39 -26.71 -20.41
C SER D 297 -21.30 -27.42 -21.40
N ASP D 298 -22.50 -27.77 -20.95
CA ASP D 298 -23.44 -28.51 -21.78
C ASP D 298 -23.82 -27.78 -23.06
N ILE D 299 -23.53 -26.48 -23.15
CA ILE D 299 -23.83 -25.71 -24.35
C ILE D 299 -23.00 -26.20 -25.56
N ARG D 300 -21.91 -26.93 -25.33
CA ARG D 300 -21.13 -27.46 -26.44
C ARG D 300 -21.88 -28.56 -27.19
N PHE E . 23.86 -2.52 11.60
CA PHE E . 23.65 -3.94 11.89
C PHE E . 22.85 -4.59 10.78
O PHE E . 22.42 -3.88 9.85
CB PHE E . 22.92 -4.14 13.22
CG PHE E . 21.71 -3.26 13.41
CD1 PHE E . 21.75 -2.19 14.28
CD2 PHE E . 20.52 -3.52 12.74
CE1 PHE E . 20.63 -1.38 14.47
CE2 PHE E . 19.41 -2.73 12.91
CZ PHE E . 19.46 -1.65 13.78
OXT PHE E . 22.63 -5.80 10.81
C1 EDO F . 12.96 -13.04 12.95
O1 EDO F . 11.90 -12.92 11.98
C2 EDO F . 12.74 -14.21 13.93
O2 EDO F . 11.59 -15.00 13.60
N PHE G . 2.75 -16.75 -40.05
CA PHE G . 2.60 -18.14 -39.67
C PHE G . 1.77 -18.91 -40.68
O PHE G . 1.35 -18.37 -41.70
CB PHE G . 1.98 -18.28 -38.28
CG PHE G . 0.69 -17.50 -38.09
CD1 PHE G . 0.66 -16.40 -37.23
CD2 PHE G . -0.48 -17.87 -38.73
CE1 PHE G . -0.51 -15.69 -37.03
CE2 PHE G . -1.64 -17.18 -38.55
CZ PHE G . -1.66 -16.08 -37.71
OXT PHE G . 1.50 -20.10 -40.45
C1 EDO H . -7.79 -27.80 -37.51
O1 EDO H . -9.07 -27.57 -38.14
C2 EDO H . -7.86 -28.80 -36.34
O2 EDO H . -9.15 -29.40 -36.18
C1 EDO I . -0.73 3.00 -7.73
O1 EDO I . -2.05 3.57 -7.71
C2 EDO I . -0.68 1.84 -8.73
O2 EDO I . 0.69 1.44 -8.94
N PHE J . 6.78 -11.62 14.98
CA PHE J . 7.42 -11.43 13.69
C PHE J . 8.67 -12.31 13.53
O PHE J . 9.41 -12.14 12.55
CB PHE J . 7.79 -9.97 13.47
CG PHE J . 8.44 -9.31 14.67
CD1 PHE J . 7.70 -8.49 15.50
CD2 PHE J . 9.79 -9.50 14.94
CE1 PHE J . 8.29 -7.87 16.60
CE2 PHE J . 10.38 -8.90 16.04
CZ PHE J . 9.63 -8.07 16.87
OXT PHE J . 8.96 -13.17 14.35
C1 EDO K . 19.89 -6.69 8.42
O1 EDO K . 20.97 -7.08 9.26
C2 EDO K . 20.27 -5.54 7.48
O2 EDO K . 21.69 -5.30 7.46
N PHE L . -13.69 -26.38 -34.96
CA PHE L . -13.14 -26.20 -36.31
C PHE L . -11.80 -26.91 -36.46
O PHE L . -11.17 -26.85 -37.52
CB PHE L . -12.99 -24.72 -36.64
CG PHE L . -12.33 -23.91 -35.55
CD1 PHE L . -13.09 -23.11 -34.71
CD2 PHE L . -10.96 -23.95 -35.36
CE1 PHE L . -12.48 -22.36 -33.70
CE2 PHE L . -10.36 -23.21 -34.35
CZ PHE L . -11.13 -22.41 -33.53
OXT PHE L . -11.32 -27.54 -35.53
C1 EDO M . -1.05 -21.67 -42.72
O1 EDO M . 0.00 -21.70 -41.73
C2 EDO M . -1.15 -20.35 -43.50
O2 EDO M . 0.00 -20.14 -44.34
C1 EDO N . 2.61 -14.20 -25.67
O1 EDO N . 3.81 -14.09 -24.89
C2 EDO N . 1.44 -13.64 -24.86
O2 EDO N . 1.36 -14.36 -23.62
#